data_2WTF
#
_entry.id   2WTF
#
_cell.length_a   103.240
_cell.length_b   103.240
_cell.length_c   292.740
_cell.angle_alpha   90.00
_cell.angle_beta   90.00
_cell.angle_gamma   90.00
#
_symmetry.space_group_name_H-M   'P 41 21 2'
#
loop_
_entity.id
_entity.type
_entity.pdbx_description
1 polymer 'DNA POLYMERASE ETA'
2 polymer "5'-D(*TP*CP*TP*TP*CP*TP*GP*TP*GP*CP *TP*CP*AP*CP*CP*AP*CP)-3'"
3 polymer "5'-D(*GP*TP*GP*GP*TP*GP*AP*GP*CP)-3'"
4 non-polymer "2'-DEOXYADENOSINE 5'-TRIPHOSPHATE"
5 non-polymer 'CALCIUM ION'
6 non-polymer Cisplatin
7 water water
#
loop_
_entity_poly.entity_id
_entity_poly.type
_entity_poly.pdbx_seq_one_letter_code
_entity_poly.pdbx_strand_id
1 'polypeptide(L)'
;MASWSHPQFEKGASTSLYKKAGRMSKFTWKELIQLGSPSKAYESSLACIAHIDMNAFFAQVEQMRCGLSKEDPVVCVQWN
SIIAVSYAARKYGISRMDTIQEALKKCSNLIPIHTAVFKKGEDFWQYHDGCGSWVQDPAKQISVEDHKVSLEPYRRESRK
ALKIFKSACDLVERASIDEVFLDLGRICFNMLMFDNEYELTGDLKLKDALSNIREAFIGGNYDINSHLPLIPEKIKSLKF
EGDVFNPEGRDLITDWDDVILALGSQVCKGIRDSIKDILGYTTSCGLSSTKNVCKLASNYKKPDAQTIVKNDCLLDFLDC
GKFEITSFWTLGGVLGKELIDVLDLPHENSIKHIRETWPDNAGQLKEFLDAKVKQSDYDRSTSNIDPLKTADLAEKLFKL
SRGRYGLPLSSRPVVKSMMSNKNLRGKSCNSIVDCISWLEVFCAELTSRIQDLEQEYNKIVIPRTVSISLKTKSYEVYRK
SGPVAYKGINFQSHELLKVGIKFVTDLDIKGKNKSYYPLTKLSMTITNFDIIDLQK
;
A,B
2 'polydeoxyribonucleotide' (DT)(DC)(DT)(DT)(DC)(DT)(DG)(DT)(DG)(DC)(DT)(DC)(DA)(DC)(DC)(DA)(DC) O,S
3 'polydeoxyribonucleotide' (DG)(DT)(DG)(DG)(DT)(DG)(DA)(DG)(DC) P,T
#
# COMPACT_ATOMS: atom_id res chain seq x y z
N MET A 24 7.69 -12.39 -29.35
CA MET A 24 7.27 -12.43 -27.91
C MET A 24 8.33 -11.92 -26.88
N SER A 25 7.86 -11.37 -25.77
CA SER A 25 8.72 -10.92 -24.66
C SER A 25 9.13 -12.05 -23.73
N LYS A 26 10.24 -11.83 -23.04
CA LYS A 26 10.69 -12.73 -21.98
C LYS A 26 9.76 -12.75 -20.78
N PHE A 27 9.04 -11.66 -20.55
CA PHE A 27 8.27 -11.53 -19.32
C PHE A 27 6.79 -11.82 -19.52
N THR A 28 6.17 -12.34 -18.46
CA THR A 28 4.74 -12.58 -18.43
C THR A 28 3.90 -11.41 -17.85
N TRP A 29 2.64 -11.39 -18.27
CA TRP A 29 1.62 -10.49 -17.72
C TRP A 29 1.60 -10.50 -16.21
N LYS A 30 1.68 -11.67 -15.63
CA LYS A 30 1.67 -11.80 -14.17
C LYS A 30 2.80 -11.00 -13.52
N GLU A 31 3.99 -11.05 -14.12
CA GLU A 31 5.17 -10.36 -13.54
C GLU A 31 5.04 -8.85 -13.67
N LEU A 32 4.45 -8.42 -14.76
CA LEU A 32 4.20 -7.00 -15.01
C LEU A 32 3.15 -6.47 -14.05
N ILE A 33 2.03 -7.18 -13.93
CA ILE A 33 0.86 -6.73 -13.14
C ILE A 33 1.20 -6.69 -11.65
N GLN A 34 2.07 -7.59 -11.22
CA GLN A 34 2.56 -7.68 -9.87
C GLN A 34 3.25 -6.37 -9.38
N LEU A 35 3.87 -5.60 -10.27
CA LEU A 35 4.37 -4.26 -9.93
C LEU A 35 3.33 -3.34 -9.29
N GLY A 36 2.06 -3.59 -9.62
CA GLY A 36 0.94 -2.86 -9.05
C GLY A 36 0.61 -3.23 -7.61
N SER A 37 1.30 -4.22 -7.08
CA SER A 37 1.06 -4.72 -5.75
C SER A 37 2.22 -4.41 -4.78
N PRO A 38 1.97 -3.68 -3.72
CA PRO A 38 3.07 -3.40 -2.79
C PRO A 38 3.66 -4.64 -2.15
N SER A 39 2.86 -5.65 -1.95
CA SER A 39 3.33 -6.81 -1.19
C SER A 39 4.29 -7.61 -2.03
N LYS A 40 3.98 -7.76 -3.30
CA LYS A 40 4.77 -8.62 -4.20
C LYS A 40 5.63 -7.93 -5.30
N ALA A 41 5.56 -6.60 -5.42
CA ALA A 41 6.29 -5.88 -6.51
C ALA A 41 7.75 -6.30 -6.57
N TYR A 42 8.39 -6.44 -5.41
CA TYR A 42 9.81 -6.75 -5.33
C TYR A 42 10.18 -8.12 -5.92
N GLU A 43 9.27 -9.10 -5.89
CA GLU A 43 9.59 -10.47 -6.33
C GLU A 43 9.65 -10.59 -7.85
N SER A 44 8.96 -9.69 -8.51
CA SER A 44 8.93 -9.69 -9.97
C SER A 44 10.33 -9.42 -10.50
N SER A 45 10.73 -10.11 -11.54
CA SER A 45 12.03 -9.80 -12.11
C SER A 45 11.94 -8.41 -12.77
N LEU A 46 10.72 -7.89 -12.91
CA LEU A 46 10.49 -6.55 -13.45
C LEU A 46 10.53 -5.45 -12.37
N ALA A 47 10.87 -5.82 -11.14
CA ALA A 47 10.97 -4.85 -10.04
C ALA A 47 11.79 -3.62 -10.42
N CYS A 48 11.31 -2.42 -10.12
CA CYS A 48 12.12 -1.22 -10.24
C CYS A 48 12.31 -0.58 -8.88
N ILE A 49 13.51 -0.76 -8.35
CA ILE A 49 13.86 -0.32 -7.03
C ILE A 49 14.96 0.73 -7.11
N ALA A 50 14.95 1.67 -6.16
CA ALA A 50 15.89 2.75 -6.11
C ALA A 50 16.45 2.82 -4.70
N HIS A 51 17.71 3.18 -4.63
CA HIS A 51 18.38 3.44 -3.40
C HIS A 51 18.91 4.82 -3.51
N ILE A 52 18.56 5.67 -2.57
CA ILE A 52 18.96 7.06 -2.64
C ILE A 52 19.70 7.38 -1.35
N ASP A 53 20.88 7.96 -1.48
CA ASP A 53 21.82 8.22 -0.37
C ASP A 53 22.24 9.65 -0.47
N MET A 54 22.12 10.37 0.63
CA MET A 54 22.48 11.79 0.62
C MET A 54 23.98 11.84 0.57
N ASN A 55 24.51 12.66 -0.32
CA ASN A 55 25.94 12.83 -0.41
C ASN A 55 26.48 13.61 0.77
N ALA A 56 27.56 13.15 1.36
CA ALA A 56 28.28 13.87 2.41
C ALA A 56 27.30 14.50 3.38
N PHE A 57 26.42 13.68 3.92
CA PHE A 57 25.20 14.21 4.53
C PHE A 57 25.40 15.27 5.58
N PHE A 58 26.19 15.05 6.60
CA PHE A 58 26.28 16.10 7.65
C PHE A 58 26.93 17.35 7.08
N ALA A 59 27.80 17.21 6.10
CA ALA A 59 28.45 18.37 5.56
C ALA A 59 27.49 19.20 4.76
N GLN A 60 26.62 18.55 4.00
CA GLN A 60 25.55 19.30 3.28
C GLN A 60 24.59 19.97 4.23
N VAL A 61 24.20 19.32 5.33
CA VAL A 61 23.26 19.99 6.21
C VAL A 61 23.91 21.19 6.84
N GLU A 62 25.18 21.10 7.18
CA GLU A 62 25.87 22.27 7.71
C GLU A 62 26.07 23.32 6.62
N GLN A 63 26.36 22.87 5.42
CA GLN A 63 26.55 23.82 4.34
C GLN A 63 25.29 24.63 4.13
N MET A 64 24.18 23.95 4.14
CA MET A 64 22.92 24.53 3.84
C MET A 64 22.52 25.47 4.94
N ARG A 65 22.65 25.04 6.18
CA ARG A 65 22.30 25.88 7.30
C ARG A 65 23.08 27.19 7.34
N CYS A 66 24.34 27.14 6.94
CA CYS A 66 25.22 28.31 7.02
C CYS A 66 25.21 29.12 5.71
N GLY A 67 24.31 28.80 4.81
CA GLY A 67 24.13 29.58 3.59
C GLY A 67 25.28 29.46 2.62
N LEU A 68 25.91 28.29 2.55
CA LEU A 68 27.12 28.14 1.72
C LEU A 68 26.75 27.34 0.48
N SER A 69 27.63 27.39 -0.52
CA SER A 69 27.43 26.71 -1.76
C SER A 69 27.83 25.24 -1.77
N LYS A 70 27.30 24.52 -2.75
CA LYS A 70 27.72 23.15 -3.01
C LYS A 70 29.26 23.02 -3.21
N GLU A 71 29.89 24.08 -3.73
CA GLU A 71 31.31 24.02 -4.12
C GLU A 71 32.24 24.59 -3.06
N ASP A 72 31.67 25.01 -1.96
CA ASP A 72 32.44 25.36 -0.78
C ASP A 72 32.99 24.11 -0.07
N PRO A 73 34.28 24.16 0.26
CA PRO A 73 34.92 23.02 0.86
C PRO A 73 34.58 23.02 2.33
N VAL A 74 33.42 22.49 2.68
CA VAL A 74 33.05 22.41 4.08
C VAL A 74 33.31 21.03 4.66
N VAL A 75 33.56 21.01 5.95
CA VAL A 75 33.83 19.74 6.66
C VAL A 75 33.03 19.78 7.97
N CYS A 76 32.40 18.69 8.32
CA CYS A 76 31.63 18.66 9.56
C CYS A 76 32.50 18.00 10.59
N VAL A 77 32.65 18.60 11.75
CA VAL A 77 33.64 18.11 12.70
C VAL A 77 33.10 17.87 14.11
N GLN A 78 33.68 16.89 14.76
CA GLN A 78 33.36 16.57 16.13
C GLN A 78 34.69 16.62 16.84
N TRP A 79 34.86 17.54 17.77
CA TRP A 79 36.14 17.60 18.47
C TRP A 79 37.23 17.81 17.41
N ASN A 80 38.19 16.89 17.35
CA ASN A 80 39.23 16.95 16.33
C ASN A 80 39.04 16.04 15.12
N SER A 81 37.93 15.34 15.03
CA SER A 81 37.68 14.42 13.93
C SER A 81 36.79 15.05 12.89
N ILE A 82 36.95 14.57 11.69
CA ILE A 82 36.09 14.93 10.61
C ILE A 82 35.12 13.77 10.43
N ILE A 83 33.82 14.05 10.54
CA ILE A 83 32.80 13.01 10.38
C ILE A 83 32.07 13.09 9.05
N ALA A 84 32.22 14.18 8.31
CA ALA A 84 31.67 14.23 6.98
C ALA A 84 32.44 15.27 6.16
N VAL A 85 32.69 14.92 4.90
CA VAL A 85 33.50 15.72 4.01
C VAL A 85 32.76 16.01 2.73
N SER A 86 32.63 17.28 2.41
CA SER A 86 31.88 17.68 1.25
C SER A 86 32.73 17.25 0.07
N TYR A 87 32.06 16.94 -1.04
CA TYR A 87 32.76 16.63 -2.28
C TYR A 87 33.68 17.72 -2.79
N ALA A 88 33.38 18.99 -2.52
CA ALA A 88 34.31 20.08 -2.86
C ALA A 88 35.58 19.96 -2.01
N ALA A 89 35.43 19.63 -0.73
CA ALA A 89 36.59 19.45 0.16
C ALA A 89 37.49 18.26 -0.22
N ARG A 90 36.93 17.26 -0.87
CA ARG A 90 37.64 16.05 -1.23
C ARG A 90 38.55 16.25 -2.42
N LYS A 91 38.37 17.36 -3.13
CA LYS A 91 39.25 17.70 -4.25
C LYS A 91 40.65 18.00 -3.71
N TYR A 92 40.76 18.23 -2.42
CA TYR A 92 42.03 18.52 -1.78
C TYR A 92 42.63 17.29 -1.10
N GLY A 93 42.09 16.11 -1.38
CA GLY A 93 42.52 14.89 -0.71
C GLY A 93 42.12 14.83 0.76
N ILE A 94 41.12 15.59 1.18
CA ILE A 94 40.66 15.49 2.56
C ILE A 94 39.74 14.30 2.70
N SER A 95 39.82 13.62 3.83
CA SER A 95 39.01 12.47 4.12
C SER A 95 38.74 12.38 5.60
N ARG A 96 37.91 11.42 5.99
CA ARG A 96 37.53 11.18 7.36
C ARG A 96 38.76 10.85 8.19
N MET A 97 39.75 10.25 7.55
CA MET A 97 41.01 9.87 8.19
C MET A 97 41.80 11.06 8.75
N ASP A 98 41.78 12.19 8.05
CA ASP A 98 42.49 13.36 8.48
C ASP A 98 41.86 13.97 9.73
N THR A 99 42.72 14.49 10.61
CA THR A 99 42.27 15.31 11.70
C THR A 99 42.02 16.69 11.10
N ILE A 100 41.30 17.52 11.83
CA ILE A 100 41.06 18.88 11.35
C ILE A 100 42.36 19.54 10.94
N GLN A 101 43.33 19.53 11.84
CA GLN A 101 44.61 20.18 11.60
C GLN A 101 45.27 19.64 10.35
N GLU A 102 45.21 18.34 10.15
CA GLU A 102 45.78 17.77 8.95
C GLU A 102 45.09 18.22 7.67
N ALA A 103 43.76 18.37 7.75
CA ALA A 103 42.94 18.67 6.59
C ALA A 103 43.21 20.14 6.22
N LEU A 104 43.44 20.95 7.24
CA LEU A 104 43.85 22.36 7.04
C LEU A 104 45.16 22.51 6.30
N LYS A 105 46.05 21.53 6.35
CA LYS A 105 47.32 21.65 5.64
C LYS A 105 47.13 21.31 4.18
N LYS A 106 46.02 20.64 3.90
CA LYS A 106 45.64 20.32 2.53
C LYS A 106 44.84 21.43 1.89
N CYS A 107 44.15 22.23 2.70
CA CYS A 107 43.35 23.29 2.18
C CYS A 107 43.08 24.35 3.21
N SER A 108 43.83 25.45 3.18
CA SER A 108 43.72 26.50 4.19
C SER A 108 42.42 27.20 4.14
N ASN A 109 41.80 27.25 2.98
CA ASN A 109 40.46 27.82 2.85
C ASN A 109 39.31 26.92 3.32
N LEU A 110 39.65 25.74 3.85
CA LEU A 110 38.66 24.82 4.43
C LEU A 110 37.69 25.50 5.37
N ILE A 111 36.44 25.05 5.37
CA ILE A 111 35.43 25.60 6.27
C ILE A 111 34.94 24.50 7.19
N PRO A 112 35.56 24.39 8.36
CA PRO A 112 35.14 23.36 9.27
C PRO A 112 34.00 23.87 10.11
N ILE A 113 33.04 22.99 10.39
CA ILE A 113 31.86 23.35 11.14
C ILE A 113 31.60 22.27 12.15
N HIS A 114 31.59 22.65 13.41
CA HIS A 114 31.36 21.70 14.45
C HIS A 114 29.87 21.40 14.51
N THR A 115 29.54 20.15 14.76
CA THR A 115 28.19 19.73 15.07
C THR A 115 27.70 20.51 16.26
N ALA A 116 26.40 20.52 16.44
CA ALA A 116 25.80 21.24 17.54
C ALA A 116 26.19 20.54 18.82
N VAL A 117 26.14 21.23 19.94
CA VAL A 117 26.49 20.62 21.19
C VAL A 117 25.54 21.04 22.35
N PHE A 118 25.35 20.08 23.25
CA PHE A 118 24.80 20.34 24.56
C PHE A 118 25.90 20.76 25.50
N LYS A 119 25.66 21.80 26.29
CA LYS A 119 26.51 22.10 27.41
C LYS A 119 25.96 21.41 28.66
N LYS A 120 26.84 20.70 29.36
CA LYS A 120 26.55 20.13 30.69
C LYS A 120 25.73 21.10 31.51
N GLY A 121 24.60 20.65 32.05
CA GLY A 121 23.75 21.53 32.88
C GLY A 121 22.67 22.34 32.15
N GLU A 122 22.65 22.27 30.82
CA GLU A 122 21.63 22.89 29.97
C GLU A 122 20.82 21.86 29.22
N ASP A 123 19.55 22.18 29.01
CA ASP A 123 18.62 21.25 28.35
C ASP A 123 18.34 21.60 26.88
N PHE A 124 19.24 22.35 26.27
CA PHE A 124 19.16 22.62 24.85
C PHE A 124 20.55 22.49 24.24
N TRP A 125 20.61 22.01 22.99
CA TRP A 125 21.84 22.05 22.20
C TRP A 125 21.87 23.36 21.43
N GLN A 126 23.05 23.68 20.95
CA GLN A 126 23.25 24.90 20.22
C GLN A 126 24.50 24.76 19.34
N TYR A 127 24.63 25.63 18.34
CA TYR A 127 25.79 25.65 17.47
C TYR A 127 26.75 26.72 17.96
N HIS A 128 28.03 26.40 17.97
CA HIS A 128 29.02 27.36 18.39
C HIS A 128 29.81 27.70 17.20
N ASP A 129 29.21 28.54 16.37
CA ASP A 129 29.80 28.78 15.07
C ASP A 129 31.03 29.64 15.25
N GLY A 130 32.01 29.40 14.39
CA GLY A 130 33.33 29.98 14.53
C GLY A 130 34.06 29.51 15.79
N CYS A 131 33.61 28.43 16.40
CA CYS A 131 34.39 27.82 17.47
C CYS A 131 34.80 26.42 17.11
N GLY A 132 35.88 25.97 17.73
CA GLY A 132 36.43 24.64 17.50
C GLY A 132 37.92 24.55 17.78
N SER A 133 38.40 23.34 17.86
CA SER A 133 39.80 23.13 18.17
C SER A 133 40.77 23.77 17.15
N TRP A 134 40.33 23.99 15.92
CA TRP A 134 41.21 24.57 14.90
C TRP A 134 41.29 26.10 15.02
N VAL A 135 40.38 26.69 15.78
CA VAL A 135 40.34 28.13 15.94
C VAL A 135 41.35 28.56 17.01
N GLN A 136 42.20 29.52 16.65
CA GLN A 136 43.33 29.91 17.49
C GLN A 136 42.87 30.47 18.81
N ASP A 137 42.01 31.46 18.75
CA ASP A 137 41.45 32.07 19.94
C ASP A 137 40.99 31.03 20.99
N PRO A 138 41.53 31.12 22.21
CA PRO A 138 41.13 30.28 23.36
C PRO A 138 39.70 30.52 23.83
N ALA A 139 39.19 31.71 23.53
CA ALA A 139 37.82 32.08 23.87
C ALA A 139 36.77 31.20 23.18
N LYS A 140 37.07 30.82 21.94
CA LYS A 140 36.14 30.12 21.03
C LYS A 140 36.48 28.65 20.88
N GLN A 141 36.33 27.88 21.94
CA GLN A 141 36.56 26.44 21.88
C GLN A 141 35.30 25.72 22.27
N ILE A 142 35.24 24.43 21.99
CA ILE A 142 34.13 23.61 22.42
C ILE A 142 34.74 22.45 23.16
N SER A 143 34.80 22.58 24.49
CA SER A 143 35.59 21.60 25.23
C SER A 143 34.79 20.35 25.30
N VAL A 144 35.50 19.25 25.08
CA VAL A 144 34.92 17.93 25.06
C VAL A 144 34.45 17.53 26.44
N GLU A 145 35.13 18.08 27.42
CA GLU A 145 34.88 17.80 28.81
C GLU A 145 33.49 18.27 29.21
N ASP A 146 33.11 19.45 28.78
CA ASP A 146 31.81 20.04 29.13
C ASP A 146 30.67 19.95 28.11
N HIS A 147 30.84 19.21 27.02
CA HIS A 147 29.82 19.24 25.96
C HIS A 147 29.50 17.85 25.45
N LYS A 148 28.33 17.74 24.85
CA LYS A 148 27.92 16.48 24.22
C LYS A 148 27.41 16.80 22.81
N VAL A 149 27.83 15.99 21.86
CA VAL A 149 27.40 16.18 20.48
C VAL A 149 25.90 15.94 20.36
N SER A 150 25.20 16.81 19.65
CA SER A 150 23.84 16.52 19.25
C SER A 150 23.76 16.28 17.75
N LEU A 151 23.22 15.14 17.36
CA LEU A 151 22.95 14.82 15.96
C LEU A 151 21.53 15.20 15.52
N GLU A 152 20.82 15.92 16.38
CA GLU A 152 19.43 16.25 16.10
C GLU A 152 19.21 16.99 14.78
N PRO A 153 20.06 17.97 14.47
CA PRO A 153 19.85 18.65 13.21
C PRO A 153 19.89 17.71 12.01
N TYR A 154 20.72 16.68 12.07
CA TYR A 154 20.78 15.74 10.97
C TYR A 154 19.55 14.86 10.96
N ARG A 155 19.01 14.57 12.14
CA ARG A 155 17.75 13.83 12.26
C ARG A 155 16.57 14.65 11.73
N ARG A 156 16.54 15.92 12.06
CA ARG A 156 15.51 16.76 11.56
C ARG A 156 15.57 16.76 10.06
N GLU A 157 16.73 17.02 9.48
CA GLU A 157 16.80 17.07 8.01
C GLU A 157 16.42 15.74 7.34
N SER A 158 16.85 14.64 7.91
CA SER A 158 16.48 13.32 7.42
C SER A 158 14.95 13.11 7.39
N ARG A 159 14.28 13.57 8.42
CA ARG A 159 12.84 13.48 8.53
C ARG A 159 12.15 14.30 7.43
N LYS A 160 12.68 15.47 7.10
CA LYS A 160 12.16 16.23 5.98
C LYS A 160 12.31 15.46 4.68
N ALA A 161 13.51 14.99 4.41
CA ALA A 161 13.72 14.18 3.25
C ALA A 161 12.68 13.07 3.20
N LEU A 162 12.43 12.46 4.35
CA LEU A 162 11.56 11.28 4.39
C LEU A 162 10.10 11.65 3.97
N LYS A 163 9.61 12.79 4.42
CA LYS A 163 8.28 13.25 4.04
C LYS A 163 8.20 13.53 2.55
N ILE A 164 9.26 14.03 1.96
CA ILE A 164 9.26 14.21 0.54
C ILE A 164 9.20 12.86 -0.18
N PHE A 165 9.97 11.89 0.27
CA PHE A 165 10.05 10.62 -0.44
C PHE A 165 8.72 9.94 -0.32
N LYS A 166 8.18 9.92 0.88
CA LYS A 166 6.89 9.26 1.19
C LYS A 166 5.70 9.86 0.39
N SER A 167 5.76 11.15 0.12
CA SER A 167 4.75 11.79 -0.64
C SER A 167 4.82 11.30 -2.06
N ALA A 168 6.02 11.05 -2.58
CA ALA A 168 6.20 10.77 -4.00
C ALA A 168 6.16 9.30 -4.33
N CYS A 169 6.21 8.45 -3.32
CA CYS A 169 6.30 7.02 -3.51
C CYS A 169 5.56 6.32 -2.39
N ASP A 170 4.78 5.30 -2.75
CA ASP A 170 3.87 4.68 -1.81
C ASP A 170 4.48 3.59 -1.00
N LEU A 171 5.71 3.19 -1.33
CA LEU A 171 6.46 2.29 -0.48
C LEU A 171 7.92 2.75 -0.36
N VAL A 172 8.25 3.29 0.83
CA VAL A 172 9.57 3.79 1.14
C VAL A 172 10.16 3.07 2.36
N GLU A 173 11.35 2.54 2.23
CA GLU A 173 12.08 2.01 3.36
C GLU A 173 13.17 2.99 3.79
N ARG A 174 13.12 3.38 5.05
CA ARG A 174 14.19 4.15 5.66
C ARG A 174 15.33 3.25 6.04
N ALA A 175 16.35 3.17 5.22
CA ALA A 175 17.43 2.22 5.45
C ALA A 175 18.36 2.75 6.53
N SER A 176 18.56 4.07 6.57
CA SER A 176 19.44 4.68 7.55
C SER A 176 19.09 6.14 7.61
N ILE A 177 19.88 6.92 8.33
CA ILE A 177 19.60 8.31 8.56
C ILE A 177 19.63 9.11 7.26
N ASP A 178 20.41 8.70 6.27
CA ASP A 178 20.41 9.41 5.00
C ASP A 178 20.22 8.56 3.78
N GLU A 179 19.56 7.42 3.96
CA GLU A 179 19.35 6.50 2.88
C GLU A 179 17.90 6.04 2.86
N VAL A 180 17.34 5.87 1.68
CA VAL A 180 16.05 5.22 1.52
C VAL A 180 16.10 4.25 0.37
N PHE A 181 15.22 3.28 0.42
CA PHE A 181 14.88 2.48 -0.73
C PHE A 181 13.49 2.94 -1.18
N LEU A 182 13.24 2.94 -2.48
CA LEU A 182 11.93 3.22 -3.01
C LEU A 182 11.55 2.07 -3.89
N ASP A 183 10.32 1.61 -3.73
CA ASP A 183 9.76 0.67 -4.66
C ASP A 183 8.95 1.49 -5.64
N LEU A 184 9.47 1.61 -6.84
CA LEU A 184 8.86 2.43 -7.88
C LEU A 184 7.80 1.69 -8.73
N GLY A 185 7.50 0.45 -8.37
CA GLY A 185 6.51 -0.39 -9.08
C GLY A 185 5.22 0.27 -9.49
N ARG A 186 4.46 0.77 -8.54
CA ARG A 186 3.16 1.35 -8.89
C ARG A 186 3.35 2.45 -9.87
N ILE A 187 4.28 3.35 -9.61
CA ILE A 187 4.48 4.51 -10.46
C ILE A 187 4.83 4.03 -11.86
N CYS A 188 5.72 3.05 -11.92
CA CYS A 188 6.18 2.57 -13.19
C CYS A 188 5.04 1.97 -13.99
N PHE A 189 4.35 1.04 -13.35
CA PHE A 189 3.25 0.36 -13.98
C PHE A 189 2.18 1.36 -14.42
N ASN A 190 1.78 2.23 -13.51
CA ASN A 190 0.76 3.22 -13.84
C ASN A 190 1.19 4.21 -14.96
N MET A 191 2.47 4.56 -14.99
CA MET A 191 2.93 5.46 -16.00
C MET A 191 2.93 4.71 -17.33
N LEU A 192 3.39 3.48 -17.29
CA LEU A 192 3.42 2.67 -18.47
C LEU A 192 2.02 2.56 -19.07
N MET A 193 1.05 2.20 -18.21
CA MET A 193 -0.27 1.87 -18.69
C MET A 193 -1.22 3.03 -18.91
N PHE A 194 -1.12 4.08 -18.12
CA PHE A 194 -2.15 5.10 -18.17
C PHE A 194 -1.70 6.51 -18.38
N ASP A 195 -0.40 6.75 -18.48
CA ASP A 195 0.12 8.14 -18.52
C ASP A 195 -0.01 8.73 -19.92
N ASN A 196 -0.97 9.63 -20.11
CA ASN A 196 -1.16 10.26 -21.43
C ASN A 196 -0.41 11.58 -21.61
N GLU A 197 0.24 12.04 -20.56
CA GLU A 197 0.99 13.30 -20.61
C GLU A 197 2.34 13.11 -21.32
N TYR A 198 3.04 12.04 -20.96
CA TYR A 198 4.47 11.91 -21.26
C TYR A 198 4.85 11.97 -22.75
N GLU A 199 5.93 12.71 -23.04
CA GLU A 199 6.49 12.79 -24.40
C GLU A 199 7.78 12.00 -24.51
N LEU A 200 7.81 11.05 -25.43
CA LEU A 200 9.06 10.36 -25.79
C LEU A 200 9.98 11.26 -26.61
N THR A 201 9.36 12.01 -27.53
CA THR A 201 10.04 12.96 -28.40
C THR A 201 9.02 14.03 -28.81
N GLY A 202 9.45 14.98 -29.63
CA GLY A 202 8.51 15.85 -30.29
C GLY A 202 7.57 15.02 -31.15
N ASP A 203 6.29 15.39 -31.15
CA ASP A 203 5.27 14.64 -31.89
C ASP A 203 5.29 13.14 -31.60
N LEU A 204 5.75 12.74 -30.40
CA LEU A 204 5.62 11.33 -29.96
C LEU A 204 5.31 11.18 -28.46
N LYS A 205 4.30 10.38 -28.18
CA LYS A 205 3.84 10.19 -26.82
C LYS A 205 3.72 8.72 -26.47
N LEU A 206 3.75 8.48 -25.15
CA LEU A 206 3.70 7.13 -24.58
C LEU A 206 2.41 6.40 -24.95
N LYS A 207 1.29 7.12 -24.89
CA LYS A 207 0.01 6.50 -25.19
C LYS A 207 -0.03 5.99 -26.61
N ASP A 208 0.61 6.71 -27.52
CA ASP A 208 0.72 6.29 -28.93
C ASP A 208 1.87 5.26 -29.14
N ALA A 209 2.97 5.41 -28.41
CA ALA A 209 4.10 4.47 -28.52
C ALA A 209 3.83 3.09 -27.89
N LEU A 210 2.94 3.08 -26.92
CA LEU A 210 2.61 1.88 -26.18
C LEU A 210 1.13 1.47 -26.38
N SER A 211 0.47 1.92 -27.46
CA SER A 211 -0.94 1.56 -27.72
C SER A 211 -1.23 0.07 -27.71
N ASN A 212 -0.29 -0.73 -28.20
CA ASN A 212 -0.46 -2.16 -28.21
C ASN A 212 -0.65 -2.70 -26.79
N ILE A 213 0.40 -2.62 -25.97
CA ILE A 213 0.33 -3.21 -24.63
C ILE A 213 -0.78 -2.57 -23.74
N ARG A 214 -1.03 -1.28 -23.95
CA ARG A 214 -2.08 -0.56 -23.23
C ARG A 214 -3.48 -1.07 -23.63
N GLU A 215 -3.74 -1.19 -24.94
CA GLU A 215 -4.97 -1.83 -25.45
C GLU A 215 -5.10 -3.26 -25.01
N ALA A 216 -3.96 -3.92 -24.85
CA ALA A 216 -3.99 -5.34 -24.54
C ALA A 216 -4.40 -5.49 -23.10
N PHE A 217 -3.94 -4.56 -22.26
CA PHE A 217 -4.10 -4.65 -20.82
C PHE A 217 -5.56 -4.36 -20.44
N ILE A 218 -6.10 -3.29 -21.01
CA ILE A 218 -7.50 -2.97 -20.77
C ILE A 218 -8.38 -4.04 -21.33
N GLY A 219 -8.03 -4.50 -22.54
CA GLY A 219 -8.70 -5.61 -23.22
C GLY A 219 -8.95 -6.81 -22.35
N GLY A 220 -8.01 -7.13 -21.46
CA GLY A 220 -8.21 -8.22 -20.52
C GLY A 220 -8.23 -9.65 -21.09
N ASN A 221 -7.88 -9.78 -22.37
CA ASN A 221 -8.02 -11.01 -23.12
C ASN A 221 -6.76 -11.86 -23.07
N TYR A 222 -5.80 -11.43 -22.27
CA TYR A 222 -4.56 -12.19 -22.07
C TYR A 222 -4.76 -13.20 -20.92
N ASP A 223 -4.04 -14.32 -20.98
CA ASP A 223 -3.94 -15.27 -19.86
C ASP A 223 -2.81 -14.70 -19.03
N ILE A 224 -2.85 -14.81 -17.70
CA ILE A 224 -1.84 -14.12 -16.91
C ILE A 224 -0.43 -14.74 -17.07
N ASN A 225 -0.36 -16.06 -17.27
CA ASN A 225 0.91 -16.75 -17.54
C ASN A 225 1.33 -16.62 -18.97
N SER A 226 0.53 -15.94 -19.76
CA SER A 226 0.97 -15.62 -21.11
C SER A 226 2.09 -14.59 -21.05
N HIS A 227 3.07 -14.79 -21.91
CA HIS A 227 4.18 -13.85 -22.08
C HIS A 227 3.64 -12.55 -22.66
N LEU A 228 4.39 -11.48 -22.49
CA LEU A 228 3.98 -10.16 -22.92
C LEU A 228 4.32 -10.07 -24.38
N PRO A 229 3.62 -9.20 -25.12
CA PRO A 229 3.95 -8.93 -26.52
C PRO A 229 5.27 -8.19 -26.62
N LEU A 230 5.92 -8.27 -27.77
CA LEU A 230 7.24 -7.70 -27.93
C LEU A 230 7.15 -6.20 -27.79
N ILE A 231 8.14 -5.61 -27.14
CA ILE A 231 8.17 -4.18 -27.03
C ILE A 231 8.03 -3.59 -28.42
N PRO A 232 7.34 -2.44 -28.56
CA PRO A 232 7.19 -1.74 -29.83
C PRO A 232 8.40 -0.90 -30.19
N GLU A 233 8.85 -1.05 -31.43
CA GLU A 233 10.01 -0.30 -31.92
C GLU A 233 9.97 1.14 -31.43
N LYS A 234 8.79 1.76 -31.42
CA LYS A 234 8.68 3.15 -30.98
C LYS A 234 9.13 3.41 -29.52
N ILE A 235 9.15 2.35 -28.69
CA ILE A 235 9.50 2.50 -27.30
C ILE A 235 11.01 2.73 -27.11
N LYS A 236 11.79 2.19 -28.05
CA LYS A 236 13.26 2.26 -28.01
C LYS A 236 13.84 3.68 -27.98
N SER A 237 13.09 4.66 -28.45
CA SER A 237 13.46 6.09 -28.27
C SER A 237 13.24 6.64 -26.82
N LEU A 238 12.91 5.75 -25.89
CA LEU A 238 12.66 6.14 -24.51
C LEU A 238 13.99 6.32 -23.81
N LYS A 239 14.13 7.46 -23.17
CA LYS A 239 15.41 7.84 -22.59
C LYS A 239 15.52 7.37 -21.14
N PHE A 240 16.59 6.67 -20.83
CA PHE A 240 17.08 6.59 -19.48
C PHE A 240 17.51 7.97 -18.94
N GLU A 241 17.20 8.26 -17.68
CA GLU A 241 17.77 9.43 -16.99
C GLU A 241 18.93 8.99 -16.10
N GLY A 242 20.09 9.60 -16.27
CA GLY A 242 21.27 9.27 -15.49
C GLY A 242 22.19 8.35 -16.24
N ASP A 243 23.18 7.81 -15.54
CA ASP A 243 24.21 7.02 -16.19
C ASP A 243 23.89 5.56 -16.22
N VAL A 244 23.72 5.02 -17.42
CA VAL A 244 23.44 3.62 -17.58
C VAL A 244 24.75 2.86 -17.65
N PHE A 245 24.98 1.91 -16.76
CA PHE A 245 26.20 1.16 -16.78
C PHE A 245 26.19 -0.06 -17.72
N ASN A 246 26.52 0.14 -19.01
CA ASN A 246 26.90 -1.01 -19.87
C ASN A 246 28.31 -0.80 -20.46
N PRO A 247 29.32 -1.26 -19.74
CA PRO A 247 30.59 -1.27 -20.42
C PRO A 247 30.47 -1.81 -21.85
N GLU A 248 29.76 -2.96 -21.99
CA GLU A 248 29.64 -3.73 -23.26
C GLU A 248 28.77 -3.09 -24.32
N GLY A 249 28.32 -1.88 -24.12
CA GLY A 249 27.47 -1.21 -25.13
C GLY A 249 26.31 -2.10 -25.61
N ARG A 250 25.62 -2.73 -24.66
CA ARG A 250 24.37 -3.47 -24.95
C ARG A 250 23.32 -2.52 -25.45
N ASP A 251 22.27 -3.02 -26.09
CA ASP A 251 21.19 -2.10 -26.52
C ASP A 251 20.42 -1.66 -25.26
N LEU A 252 20.03 -0.40 -25.24
CA LEU A 252 19.47 0.20 -24.06
C LEU A 252 18.11 -0.48 -23.66
N ILE A 253 17.17 -0.45 -24.59
CA ILE A 253 15.85 -0.99 -24.37
C ILE A 253 15.60 -2.20 -25.22
N THR A 254 15.70 -3.40 -24.65
CA THR A 254 15.37 -4.61 -25.42
C THR A 254 14.09 -5.31 -24.98
N ASP A 255 13.67 -5.09 -23.75
CA ASP A 255 12.51 -5.78 -23.23
C ASP A 255 11.79 -4.87 -22.20
N TRP A 256 10.72 -5.38 -21.61
CA TRP A 256 9.84 -4.55 -20.79
C TRP A 256 10.55 -4.10 -19.51
N ASP A 257 11.41 -4.93 -18.94
CA ASP A 257 12.24 -4.54 -17.77
C ASP A 257 13.04 -3.22 -18.04
N ASP A 258 13.60 -3.12 -19.25
CA ASP A 258 14.33 -1.92 -19.62
C ASP A 258 13.34 -0.77 -19.74
N VAL A 259 12.10 -1.06 -20.14
CA VAL A 259 11.08 0.02 -20.24
C VAL A 259 10.68 0.48 -18.83
N ILE A 260 10.51 -0.46 -17.92
CA ILE A 260 10.16 -0.11 -16.58
C ILE A 260 11.32 0.71 -15.91
N LEU A 261 12.55 0.24 -16.12
CA LEU A 261 13.71 0.85 -15.47
C LEU A 261 13.94 2.24 -15.98
N ALA A 262 13.76 2.42 -17.27
CA ALA A 262 13.90 3.75 -17.86
C ALA A 262 12.83 4.69 -17.31
N LEU A 263 11.59 4.20 -17.18
CA LEU A 263 10.50 5.04 -16.63
C LEU A 263 10.80 5.38 -15.16
N GLY A 264 11.25 4.39 -14.41
CA GLY A 264 11.77 4.57 -13.08
C GLY A 264 12.83 5.63 -12.98
N SER A 265 13.81 5.61 -13.90
CA SER A 265 14.90 6.57 -13.84
C SER A 265 14.39 8.02 -13.95
N GLN A 266 13.38 8.22 -14.78
CA GLN A 266 12.78 9.55 -14.95
C GLN A 266 12.01 9.99 -13.71
N VAL A 267 11.24 9.06 -13.16
CA VAL A 267 10.46 9.29 -11.97
C VAL A 267 11.43 9.62 -10.84
N CYS A 268 12.44 8.78 -10.74
CA CYS A 268 13.51 8.94 -9.78
C CYS A 268 14.28 10.29 -9.80
N LYS A 269 14.62 10.77 -10.98
CA LYS A 269 15.29 12.05 -11.09
C LYS A 269 14.44 13.16 -10.55
N GLY A 270 13.17 13.15 -10.94
CA GLY A 270 12.20 14.10 -10.44
C GLY A 270 12.05 14.08 -8.94
N ILE A 271 11.99 12.91 -8.32
CA ILE A 271 12.00 12.83 -6.86
C ILE A 271 13.33 13.43 -6.27
N ARG A 272 14.44 13.09 -6.86
CA ARG A 272 15.74 13.61 -6.42
C ARG A 272 15.88 15.13 -6.60
N ASP A 273 15.25 15.64 -7.65
CA ASP A 273 15.25 17.06 -7.92
C ASP A 273 14.34 17.74 -6.94
N SER A 274 13.32 17.04 -6.52
CA SER A 274 12.50 17.53 -5.44
C SER A 274 13.29 17.76 -4.16
N ILE A 275 14.13 16.78 -3.81
CA ILE A 275 14.89 16.83 -2.60
C ILE A 275 15.87 17.99 -2.73
N LYS A 276 16.48 18.09 -3.89
CA LYS A 276 17.42 19.16 -4.16
C LYS A 276 16.74 20.51 -4.12
N ASP A 277 15.51 20.61 -4.64
CA ASP A 277 14.85 21.91 -4.76
C ASP A 277 14.24 22.35 -3.44
N ILE A 278 13.65 21.44 -2.68
CA ILE A 278 13.07 21.79 -1.39
C ILE A 278 14.09 21.95 -0.25
N LEU A 279 15.13 21.12 -0.24
CA LEU A 279 16.04 21.05 0.89
C LEU A 279 17.48 21.41 0.52
N GLY A 280 17.85 21.32 -0.75
CA GLY A 280 19.20 21.71 -1.15
C GLY A 280 20.17 20.57 -1.28
N TYR A 281 19.76 19.35 -0.93
CA TYR A 281 20.69 18.22 -0.87
C TYR A 281 20.83 17.42 -2.15
N THR A 282 22.06 17.16 -2.53
CA THR A 282 22.33 16.29 -3.65
C THR A 282 22.36 14.85 -3.14
N THR A 283 22.08 13.90 -4.03
CA THR A 283 22.01 12.53 -3.65
C THR A 283 22.64 11.72 -4.72
N SER A 284 23.02 10.49 -4.37
CA SER A 284 23.44 9.48 -5.34
C SER A 284 22.37 8.42 -5.29
N CYS A 285 22.10 7.81 -6.43
CA CYS A 285 20.99 6.93 -6.56
C CYS A 285 21.33 5.75 -7.44
N GLY A 286 20.95 4.56 -6.98
CA GLY A 286 21.10 3.33 -7.73
C GLY A 286 19.74 2.79 -8.15
N LEU A 287 19.63 2.37 -9.41
CA LEU A 287 18.39 1.85 -9.95
C LEU A 287 18.61 0.50 -10.60
N SER A 288 17.94 -0.50 -10.04
CA SER A 288 17.97 -1.83 -10.57
C SER A 288 16.71 -2.56 -10.14
N SER A 289 16.66 -3.83 -10.51
CA SER A 289 15.55 -4.67 -10.14
C SER A 289 15.66 -5.19 -8.73
N THR A 290 16.67 -4.77 -7.98
CA THR A 290 16.98 -5.40 -6.71
C THR A 290 17.62 -4.39 -5.73
N LYS A 291 17.33 -4.54 -4.44
CA LYS A 291 17.83 -3.66 -3.39
C LYS A 291 19.35 -3.71 -3.29
N ASN A 292 19.86 -4.93 -3.23
CA ASN A 292 21.26 -5.13 -3.03
C ASN A 292 22.05 -4.47 -4.11
N VAL A 293 21.60 -4.63 -5.35
CA VAL A 293 22.26 -4.06 -6.49
C VAL A 293 22.07 -2.55 -6.54
N CYS A 294 20.92 -2.07 -6.09
CA CYS A 294 20.66 -0.64 -5.94
C CYS A 294 21.61 0.02 -4.97
N LYS A 295 21.87 -0.64 -3.87
CA LYS A 295 22.80 -0.17 -2.88
C LYS A 295 24.22 0.00 -3.40
N LEU A 296 24.67 -0.98 -4.17
CA LEU A 296 26.00 -0.87 -4.75
C LEU A 296 25.94 0.27 -5.75
N ALA A 297 24.90 0.31 -6.57
CA ALA A 297 24.89 1.26 -7.65
C ALA A 297 24.80 2.72 -7.18
N SER A 298 24.12 2.98 -6.09
CA SER A 298 24.06 4.37 -5.63
C SER A 298 25.46 4.83 -5.26
N ASN A 299 26.23 3.91 -4.73
CA ASN A 299 27.57 4.21 -4.31
C ASN A 299 28.58 4.28 -5.47
N TYR A 300 28.19 3.92 -6.68
CA TYR A 300 29.14 3.82 -7.77
C TYR A 300 29.64 5.18 -8.30
N LYS A 301 28.76 6.18 -8.34
CA LYS A 301 29.15 7.51 -8.68
C LYS A 301 28.63 8.50 -7.65
N LYS A 302 29.54 9.33 -7.16
CA LYS A 302 29.21 10.37 -6.21
C LYS A 302 30.01 11.65 -6.48
N PRO A 303 29.36 12.80 -6.34
CA PRO A 303 28.00 12.98 -5.90
C PRO A 303 27.02 13.29 -7.04
N ASP A 304 25.76 13.45 -6.67
CA ASP A 304 24.72 13.93 -7.59
C ASP A 304 24.68 13.13 -8.90
N ALA A 305 24.61 11.81 -8.79
CA ALA A 305 24.59 10.93 -9.93
C ALA A 305 23.57 9.83 -9.71
N GLN A 306 23.04 9.34 -10.80
CA GLN A 306 22.11 8.24 -10.80
C GLN A 306 22.74 7.08 -11.59
N THR A 307 22.92 5.93 -10.96
CA THR A 307 23.45 4.83 -11.70
C THR A 307 22.34 3.78 -11.94
N ILE A 308 22.03 3.54 -13.22
CA ILE A 308 21.06 2.53 -13.63
C ILE A 308 21.78 1.24 -14.03
N VAL A 309 21.40 0.12 -13.44
CA VAL A 309 21.90 -1.21 -13.82
C VAL A 309 20.74 -2.12 -14.31
N LYS A 310 20.72 -2.35 -15.62
CA LYS A 310 19.73 -3.18 -16.30
C LYS A 310 20.02 -4.59 -15.97
N ASN A 311 19.03 -5.45 -16.11
CA ASN A 311 19.23 -6.85 -15.74
C ASN A 311 20.33 -7.51 -16.60
N ASP A 312 20.31 -7.19 -17.88
CA ASP A 312 21.35 -7.64 -18.80
C ASP A 312 22.76 -7.20 -18.42
N CYS A 313 22.89 -6.01 -17.83
CA CYS A 313 24.20 -5.51 -17.44
C CYS A 313 24.51 -5.90 -16.04
N LEU A 314 23.68 -6.74 -15.43
CA LEU A 314 23.95 -7.12 -14.04
C LEU A 314 25.31 -7.75 -13.90
N LEU A 315 25.61 -8.70 -14.77
CA LEU A 315 26.88 -9.45 -14.66
C LEU A 315 28.08 -8.53 -14.93
N ASP A 316 28.04 -7.79 -16.03
CA ASP A 316 28.97 -6.68 -16.24
C ASP A 316 29.21 -5.91 -14.95
N PHE A 317 28.14 -5.43 -14.31
CA PHE A 317 28.24 -4.59 -13.12
C PHE A 317 28.91 -5.28 -11.96
N LEU A 318 28.38 -6.43 -11.56
CA LEU A 318 28.97 -7.18 -10.45
C LEU A 318 30.43 -7.61 -10.69
N ASP A 319 30.80 -7.79 -11.95
CA ASP A 319 32.13 -8.23 -12.32
C ASP A 319 33.09 -7.07 -12.68
N CYS A 320 32.60 -5.83 -12.64
CA CYS A 320 33.42 -4.67 -13.05
C CYS A 320 34.74 -4.54 -12.30
N GLY A 321 34.86 -5.21 -11.17
CA GLY A 321 36.09 -5.22 -10.39
C GLY A 321 36.08 -4.41 -9.10
N LYS A 322 35.04 -3.59 -8.89
CA LYS A 322 34.97 -2.88 -7.63
C LYS A 322 34.34 -3.71 -6.51
N PHE A 323 33.69 -4.83 -6.83
CA PHE A 323 32.94 -5.58 -5.81
C PHE A 323 33.42 -6.99 -5.51
N GLU A 324 33.12 -7.42 -4.29
CA GLU A 324 33.44 -8.75 -3.78
C GLU A 324 32.28 -9.30 -2.96
N ILE A 325 32.27 -10.60 -2.71
CA ILE A 325 31.32 -11.20 -1.78
C ILE A 325 31.08 -10.30 -0.56
N THR A 326 32.18 -9.71 -0.10
CA THR A 326 32.23 -8.85 1.06
C THR A 326 31.47 -7.51 0.86
N SER A 327 31.28 -7.14 -0.39
CA SER A 327 30.54 -5.96 -0.73
C SER A 327 29.06 -6.06 -0.40
N PHE A 328 28.50 -7.26 -0.48
CA PHE A 328 27.08 -7.41 -0.21
C PHE A 328 26.75 -7.11 1.23
N TRP A 329 25.57 -6.50 1.40
CA TRP A 329 25.05 -6.12 2.70
C TRP A 329 24.77 -7.39 3.50
N THR A 330 25.30 -7.43 4.73
CA THR A 330 25.26 -8.61 5.63
C THR A 330 26.38 -9.62 5.34
N LEU A 331 27.20 -9.34 4.33
CA LEU A 331 28.38 -10.17 4.01
C LEU A 331 29.67 -9.37 4.10
N GLY A 332 29.57 -8.11 4.55
CA GLY A 332 30.74 -7.27 4.77
C GLY A 332 31.32 -7.43 6.16
N GLY A 333 30.70 -8.32 6.93
CA GLY A 333 31.13 -8.66 8.29
C GLY A 333 31.89 -9.98 8.37
N VAL A 334 31.91 -10.55 9.57
CA VAL A 334 32.66 -11.78 9.84
C VAL A 334 32.06 -12.96 9.07
N LEU A 335 30.73 -12.94 8.89
CA LEU A 335 30.04 -13.97 8.10
C LEU A 335 30.59 -14.06 6.68
N GLY A 336 30.96 -12.91 6.13
CA GLY A 336 31.57 -12.84 4.80
C GLY A 336 32.94 -13.47 4.76
N LYS A 337 33.70 -13.27 5.83
CA LYS A 337 35.02 -13.89 6.00
C LYS A 337 34.89 -15.42 6.02
N GLU A 338 34.06 -15.91 6.93
CA GLU A 338 33.80 -17.34 7.06
C GLU A 338 33.47 -17.92 5.70
N LEU A 339 32.73 -17.17 4.89
CA LEU A 339 32.39 -17.61 3.55
C LEU A 339 33.61 -17.64 2.61
N ILE A 340 34.53 -16.68 2.77
CA ILE A 340 35.81 -16.73 2.05
C ILE A 340 36.56 -18.03 2.37
N ASP A 341 36.74 -18.27 3.68
CA ASP A 341 37.37 -19.50 4.15
C ASP A 341 36.56 -20.74 3.73
N VAL A 342 35.27 -20.77 4.05
CA VAL A 342 34.45 -21.98 3.88
C VAL A 342 34.13 -22.34 2.42
N LEU A 343 34.47 -21.47 1.49
CA LEU A 343 34.37 -21.78 0.06
C LEU A 343 35.69 -21.54 -0.66
N ASP A 344 36.77 -21.34 0.11
CA ASP A 344 38.10 -21.16 -0.47
C ASP A 344 37.94 -20.13 -1.60
N LEU A 345 37.43 -18.96 -1.25
CA LEU A 345 37.16 -17.95 -2.25
C LEU A 345 38.45 -17.24 -2.62
N PRO A 346 38.57 -16.87 -3.90
CA PRO A 346 39.66 -16.02 -4.35
C PRO A 346 39.58 -14.66 -3.70
N HIS A 347 40.71 -13.99 -3.49
CA HIS A 347 40.64 -12.65 -2.93
C HIS A 347 40.00 -11.66 -3.91
N GLU A 348 40.21 -11.89 -5.21
CA GLU A 348 39.64 -11.03 -6.26
C GLU A 348 38.64 -11.79 -7.12
N ASN A 349 37.74 -11.03 -7.75
CA ASN A 349 36.70 -11.61 -8.60
C ASN A 349 35.92 -12.73 -7.91
N SER A 350 35.70 -12.64 -6.60
CA SER A 350 34.95 -13.70 -5.89
C SER A 350 33.44 -13.80 -6.31
N ILE A 351 32.87 -12.72 -6.80
CA ILE A 351 31.47 -12.75 -7.26
C ILE A 351 31.33 -13.68 -8.46
N LYS A 352 32.09 -13.41 -9.52
CA LYS A 352 32.14 -14.31 -10.68
C LYS A 352 32.45 -15.73 -10.23
N HIS A 353 33.44 -15.86 -9.36
CA HIS A 353 33.85 -17.18 -8.86
C HIS A 353 32.67 -17.99 -8.36
N ILE A 354 31.90 -17.41 -7.44
CA ILE A 354 30.75 -18.11 -6.84
C ILE A 354 29.70 -18.48 -7.89
N ARG A 355 29.54 -17.63 -8.88
CA ARG A 355 28.60 -17.90 -9.95
C ARG A 355 29.13 -19.00 -10.87
N GLU A 356 30.45 -18.98 -11.11
CA GLU A 356 31.12 -19.94 -12.00
C GLU A 356 31.19 -21.33 -11.37
N THR A 357 31.56 -21.39 -10.09
CA THR A 357 31.63 -22.67 -9.39
C THR A 357 30.30 -23.43 -9.32
N TRP A 358 29.16 -22.74 -9.16
CA TRP A 358 27.86 -23.44 -9.04
C TRP A 358 26.79 -22.90 -9.99
N PRO A 359 27.00 -23.04 -11.33
CA PRO A 359 26.18 -22.39 -12.36
C PRO A 359 24.79 -22.95 -12.61
N ASP A 360 24.51 -24.12 -12.06
CA ASP A 360 23.23 -24.81 -12.30
C ASP A 360 22.14 -24.34 -11.34
N ASN A 361 22.39 -24.38 -10.03
CA ASN A 361 21.36 -24.07 -9.07
C ASN A 361 21.83 -23.90 -7.65
N ALA A 362 20.98 -23.25 -6.84
CA ALA A 362 21.20 -23.11 -5.39
C ALA A 362 21.62 -24.45 -4.75
N GLY A 363 20.91 -25.52 -5.14
CA GLY A 363 21.15 -26.88 -4.62
C GLY A 363 22.59 -27.35 -4.59
N GLN A 364 23.28 -27.20 -5.71
CA GLN A 364 24.67 -27.61 -5.78
C GLN A 364 25.53 -26.91 -4.74
N LEU A 365 25.36 -25.60 -4.57
CA LEU A 365 26.08 -24.87 -3.52
C LEU A 365 25.58 -25.24 -2.10
N LYS A 366 24.31 -25.58 -1.97
CA LYS A 366 23.82 -25.96 -0.66
C LYS A 366 24.54 -27.22 -0.18
N GLU A 367 24.64 -28.17 -1.10
CA GLU A 367 25.26 -29.45 -0.82
C GLU A 367 26.72 -29.25 -0.45
N PHE A 368 27.38 -28.36 -1.17
CA PHE A 368 28.79 -28.09 -0.92
C PHE A 368 28.94 -27.56 0.48
N LEU A 369 28.04 -26.68 0.88
CA LEU A 369 28.14 -26.10 2.21
C LEU A 369 28.01 -27.19 3.23
N ASP A 370 27.05 -28.09 3.01
CA ASP A 370 26.85 -29.16 3.96
C ASP A 370 28.10 -30.04 4.09
N ALA A 371 28.70 -30.36 2.95
CA ALA A 371 29.90 -31.18 2.96
C ALA A 371 31.04 -30.49 3.68
N LYS A 372 31.17 -29.19 3.45
CA LYS A 372 32.23 -28.40 4.05
C LYS A 372 32.10 -28.32 5.55
N VAL A 373 30.85 -28.28 6.01
CA VAL A 373 30.54 -28.11 7.41
C VAL A 373 31.05 -29.18 8.39
N LYS A 374 31.04 -30.42 7.95
CA LYS A 374 31.21 -31.61 8.80
C LYS A 374 32.67 -31.92 9.16
N GLN A 375 33.54 -31.95 8.14
CA GLN A 375 34.99 -32.01 8.37
C GLN A 375 35.39 -30.91 9.36
N SER A 376 36.24 -31.21 10.33
CA SER A 376 36.58 -30.23 11.38
C SER A 376 37.47 -29.09 10.84
N ASP A 377 36.94 -28.34 9.87
CA ASP A 377 37.58 -27.12 9.36
C ASP A 377 37.14 -25.90 10.21
N TYR A 378 36.21 -26.15 11.14
CA TYR A 378 35.71 -25.12 12.05
C TYR A 378 34.79 -25.74 13.09
N ASP A 379 34.57 -25.00 14.17
CA ASP A 379 33.71 -25.41 15.28
C ASP A 379 32.46 -24.51 15.33
N ARG A 380 31.31 -25.09 15.67
CA ARG A 380 30.04 -24.33 15.77
C ARG A 380 29.99 -23.36 16.97
N SER A 381 31.14 -23.10 17.59
CA SER A 381 31.30 -22.13 18.67
C SER A 381 31.54 -20.72 18.11
N THR A 382 32.40 -20.64 17.09
CA THR A 382 32.73 -19.37 16.46
C THR A 382 32.12 -19.20 15.07
N SER A 383 31.08 -19.98 14.76
CA SER A 383 30.48 -20.00 13.42
C SER A 383 29.22 -19.16 13.35
N ASN A 384 29.09 -18.46 12.23
CA ASN A 384 27.91 -17.65 11.93
C ASN A 384 27.01 -18.33 10.90
N ILE A 385 27.36 -19.56 10.52
CA ILE A 385 26.58 -20.31 9.53
C ILE A 385 25.63 -21.30 10.20
N ASP A 386 24.33 -21.17 9.94
CA ASP A 386 23.32 -22.08 10.47
C ASP A 386 23.15 -23.33 9.56
N PRO A 387 23.49 -24.53 10.08
CA PRO A 387 23.40 -25.78 9.30
C PRO A 387 21.98 -26.13 8.83
N LEU A 388 21.00 -26.06 9.74
CA LEU A 388 19.59 -26.34 9.39
C LEU A 388 19.15 -25.57 8.12
N LYS A 389 19.32 -24.23 8.17
CA LYS A 389 18.87 -23.27 7.12
C LYS A 389 19.98 -22.99 6.08
N THR A 390 20.69 -24.06 5.73
CA THR A 390 21.78 -24.05 4.77
C THR A 390 21.32 -23.79 3.34
N ALA A 391 20.06 -24.14 3.04
CA ALA A 391 19.46 -23.87 1.73
C ALA A 391 19.39 -22.37 1.53
N ASP A 392 18.76 -21.68 2.49
CA ASP A 392 18.65 -20.23 2.46
C ASP A 392 19.97 -19.55 2.11
N LEU A 393 21.04 -19.92 2.79
CA LEU A 393 22.34 -19.37 2.44
C LEU A 393 22.69 -19.65 0.96
N ALA A 394 22.43 -20.86 0.49
CA ALA A 394 22.79 -21.21 -0.87
C ALA A 394 21.95 -20.47 -1.92
N GLU A 395 20.65 -20.35 -1.66
CA GLU A 395 19.75 -19.59 -2.55
C GLU A 395 20.27 -18.15 -2.60
N LYS A 396 20.50 -17.58 -1.42
CA LYS A 396 21.00 -16.22 -1.25
C LYS A 396 22.26 -15.88 -2.05
N LEU A 397 23.30 -16.68 -1.87
CA LEU A 397 24.55 -16.45 -2.60
C LEU A 397 24.38 -16.66 -4.09
N PHE A 398 23.70 -17.74 -4.46
CA PHE A 398 23.48 -18.04 -5.87
C PHE A 398 22.78 -16.84 -6.52
N LYS A 399 21.72 -16.37 -5.85
CA LYS A 399 20.94 -15.22 -6.30
C LYS A 399 21.76 -13.91 -6.32
N LEU A 400 22.42 -13.65 -5.20
CA LEU A 400 23.28 -12.46 -5.05
C LEU A 400 24.35 -12.36 -6.13
N SER A 401 24.92 -13.50 -6.51
CA SER A 401 26.03 -13.54 -7.48
C SER A 401 25.58 -13.19 -8.88
N ARG A 402 24.29 -13.34 -9.16
CA ARG A 402 23.73 -12.96 -10.48
C ARG A 402 22.97 -11.64 -10.40
N GLY A 403 22.88 -11.12 -9.18
CA GLY A 403 22.19 -9.86 -8.89
C GLY A 403 20.70 -10.05 -9.03
N ARG A 404 20.21 -11.19 -8.55
CA ARG A 404 18.77 -11.48 -8.62
C ARG A 404 18.17 -11.83 -7.28
N TYR A 405 18.90 -11.52 -6.22
CA TYR A 405 18.40 -11.70 -4.87
C TYR A 405 17.57 -10.47 -4.42
N GLY A 406 16.26 -10.61 -4.52
CA GLY A 406 15.30 -9.55 -4.16
C GLY A 406 14.74 -9.72 -2.77
N LEU A 407 15.13 -8.80 -1.88
CA LEU A 407 14.51 -8.64 -0.58
C LEU A 407 13.34 -7.63 -0.64
N PRO A 408 12.31 -7.84 0.19
CA PRO A 408 11.23 -6.86 0.22
C PRO A 408 11.75 -5.65 0.95
N LEU A 409 11.15 -4.50 0.69
CA LEU A 409 11.37 -3.31 1.48
C LEU A 409 10.64 -3.49 2.80
N SER A 410 11.25 -3.18 3.92
CA SER A 410 10.55 -3.37 5.20
C SER A 410 10.66 -2.16 6.06
N SER A 411 9.80 -2.02 7.04
CA SER A 411 10.01 -0.97 7.99
C SER A 411 10.98 -1.44 9.07
N ARG A 412 11.41 -0.50 9.88
CA ARG A 412 12.40 -0.82 10.91
C ARG A 412 11.73 -1.38 12.13
N PRO A 413 12.43 -2.28 12.84
CA PRO A 413 11.84 -2.81 14.05
C PRO A 413 11.59 -1.68 15.04
N VAL A 414 10.47 -1.80 15.74
CA VAL A 414 10.13 -0.85 16.79
C VAL A 414 11.33 -0.76 17.72
N VAL A 415 11.47 0.41 18.32
CA VAL A 415 12.63 0.71 19.12
C VAL A 415 12.49 0.05 20.49
N LYS A 416 13.51 -0.69 20.89
CA LYS A 416 13.52 -1.34 22.20
C LYS A 416 14.05 -0.38 23.27
N SER A 417 15.09 0.38 22.94
CA SER A 417 15.65 1.28 23.92
C SER A 417 16.38 2.45 23.33
N MET A 418 16.44 3.53 24.09
CA MET A 418 17.20 4.69 23.72
C MET A 418 18.11 5.08 24.89
N MET A 419 19.39 5.28 24.57
CA MET A 419 20.39 5.64 25.53
C MET A 419 21.07 6.94 25.13
N SER A 420 21.28 7.79 26.13
CA SER A 420 22.07 8.97 25.99
C SER A 420 23.23 8.89 27.02
N ASN A 421 24.45 8.80 26.48
CA ASN A 421 25.69 8.55 27.25
C ASN A 421 26.71 9.67 27.09
N LYS A 422 27.57 9.79 28.10
CA LYS A 422 28.74 10.64 28.03
C LYS A 422 29.92 9.90 28.63
N ASN A 423 30.94 9.60 27.81
CA ASN A 423 32.20 9.09 28.33
C ASN A 423 32.96 10.24 28.92
N LEU A 424 33.16 10.18 30.22
CA LEU A 424 33.76 11.26 30.99
C LEU A 424 35.25 11.16 31.18
N ARG A 425 35.90 12.28 30.95
CA ARG A 425 37.32 12.40 31.10
C ARG A 425 37.50 13.54 32.10
N GLY A 426 38.61 13.54 32.80
CA GLY A 426 38.84 14.58 33.76
C GLY A 426 38.06 14.41 35.04
N LYS A 427 37.92 15.51 35.77
CA LYS A 427 37.22 15.52 37.02
C LYS A 427 35.88 16.20 36.86
N SER A 428 35.38 16.29 35.64
CA SER A 428 34.15 17.02 35.53
C SER A 428 33.07 16.44 36.42
N CYS A 429 32.87 15.13 36.37
CA CYS A 429 31.86 14.53 37.20
C CYS A 429 32.37 14.09 38.56
N ASN A 430 32.43 15.05 39.47
CA ASN A 430 32.92 14.85 40.82
C ASN A 430 31.88 14.94 41.90
N SER A 431 30.62 15.08 41.54
CA SER A 431 29.58 15.23 42.54
C SER A 431 28.20 14.90 42.02
N ILE A 432 27.24 14.80 42.92
CA ILE A 432 25.87 14.58 42.54
C ILE A 432 25.41 15.66 41.59
N VAL A 433 25.81 16.91 41.83
CA VAL A 433 25.26 18.02 41.04
C VAL A 433 25.83 17.97 39.63
N ASP A 434 27.04 17.48 39.50
CA ASP A 434 27.65 17.27 38.19
C ASP A 434 26.81 16.27 37.45
N CYS A 435 26.54 15.14 38.10
CA CYS A 435 25.75 14.10 37.47
C CYS A 435 24.42 14.67 37.00
N ILE A 436 23.76 15.36 37.92
CA ILE A 436 22.48 15.94 37.67
C ILE A 436 22.56 16.89 36.48
N SER A 437 23.65 17.62 36.37
CA SER A 437 23.85 18.47 35.21
C SER A 437 24.00 17.73 33.92
N TRP A 438 24.58 16.53 33.95
CA TRP A 438 24.69 15.73 32.77
C TRP A 438 23.34 15.08 32.45
N LEU A 439 22.61 14.76 33.50
CA LEU A 439 21.32 14.15 33.34
C LEU A 439 20.35 15.09 32.61
N GLU A 440 20.48 16.38 32.82
CA GLU A 440 19.61 17.32 32.16
C GLU A 440 19.81 17.24 30.68
N VAL A 441 21.04 16.99 30.28
CA VAL A 441 21.41 16.92 28.89
C VAL A 441 20.90 15.67 28.29
N PHE A 442 21.11 14.55 28.97
CA PHE A 442 20.62 13.27 28.44
C PHE A 442 19.11 13.30 28.30
N CYS A 443 18.47 13.87 29.30
CA CYS A 443 17.04 13.90 29.36
C CYS A 443 16.47 14.75 28.23
N ALA A 444 17.04 15.93 28.01
CA ALA A 444 16.67 16.73 26.84
C ALA A 444 16.90 16.02 25.52
N GLU A 445 18.00 15.31 25.40
CA GLU A 445 18.25 14.65 24.14
C GLU A 445 17.24 13.53 23.95
N LEU A 446 16.91 12.82 25.02
CA LEU A 446 16.02 11.68 24.90
C LEU A 446 14.60 12.20 24.56
N THR A 447 14.14 13.19 25.29
CA THR A 447 12.91 13.89 24.97
C THR A 447 12.86 14.30 23.50
N SER A 448 13.91 14.90 22.97
CA SER A 448 13.90 15.24 21.55
C SER A 448 13.67 13.96 20.71
N ARG A 449 14.36 12.89 21.06
CA ARG A 449 14.31 11.70 20.22
C ARG A 449 12.99 10.94 20.34
N ILE A 450 12.29 11.12 21.44
CA ILE A 450 10.99 10.54 21.55
C ILE A 450 10.10 11.13 20.42
N GLN A 451 10.23 12.44 20.26
CA GLN A 451 9.47 13.20 19.31
C GLN A 451 9.79 12.85 17.87
N ASP A 452 11.07 12.69 17.54
CA ASP A 452 11.40 12.28 16.19
C ASP A 452 10.69 10.96 15.89
N LEU A 453 10.45 10.17 16.94
CA LEU A 453 9.76 8.86 16.83
C LEU A 453 8.25 9.00 16.78
N GLU A 454 7.71 9.94 17.54
CA GLU A 454 6.28 10.21 17.49
C GLU A 454 5.91 10.61 16.08
N GLN A 455 6.77 11.37 15.43
CA GLN A 455 6.53 11.75 14.06
C GLN A 455 6.83 10.67 13.06
N GLU A 456 7.67 9.71 13.43
CA GLU A 456 7.97 8.65 12.51
C GLU A 456 6.83 7.64 12.50
N TYR A 457 6.28 7.40 13.67
CA TYR A 457 5.25 6.41 13.84
C TYR A 457 3.87 6.99 13.74
N ASN A 458 3.78 8.32 13.82
CA ASN A 458 2.50 9.01 13.96
C ASN A 458 1.64 8.41 15.06
N LYS A 459 2.29 7.91 16.11
CA LYS A 459 1.62 7.35 17.29
C LYS A 459 2.30 7.94 18.51
N ILE A 460 1.64 7.94 19.67
CA ILE A 460 2.28 8.49 20.88
C ILE A 460 3.18 7.43 21.49
N VAL A 461 4.44 7.80 21.77
CA VAL A 461 5.43 6.89 22.35
C VAL A 461 5.92 7.39 23.72
N ILE A 462 5.71 6.58 24.75
CA ILE A 462 6.19 6.86 26.11
C ILE A 462 7.00 5.66 26.69
N PRO A 463 8.21 5.95 27.23
CA PRO A 463 8.97 4.91 27.91
C PRO A 463 8.49 4.81 29.34
N ARG A 464 8.24 3.59 29.78
CA ARG A 464 7.80 3.33 31.13
C ARG A 464 8.96 3.10 32.11
N THR A 465 10.12 2.72 31.61
CA THR A 465 11.21 2.47 32.52
C THR A 465 12.47 3.24 32.12
N VAL A 466 13.21 3.65 33.15
CA VAL A 466 14.48 4.38 33.03
C VAL A 466 15.57 3.60 33.74
N SER A 467 16.77 3.73 33.23
CA SER A 467 17.92 3.16 33.85
C SER A 467 19.06 4.15 33.80
N ILE A 468 19.63 4.42 34.96
CA ILE A 468 20.83 5.19 35.02
C ILE A 468 22.04 4.33 35.29
N SER A 469 23.10 4.53 34.50
CA SER A 469 24.31 3.72 34.65
C SER A 469 25.46 4.64 34.74
N LEU A 470 26.49 4.17 35.43
CA LEU A 470 27.73 4.91 35.51
C LEU A 470 28.92 4.00 35.70
N LYS A 471 30.07 4.47 35.31
CA LYS A 471 31.29 3.76 35.63
C LYS A 471 32.07 4.63 36.59
N THR A 472 32.62 4.02 37.63
CA THR A 472 33.39 4.78 38.64
C THR A 472 34.78 5.14 38.11
N LYS A 473 35.50 5.91 38.91
CA LYS A 473 36.93 6.21 38.72
C LYS A 473 37.72 4.95 38.34
N SER A 474 37.40 3.83 38.97
CA SER A 474 38.05 2.54 38.64
C SER A 474 37.21 1.67 37.72
N TYR A 475 36.27 2.28 36.98
CA TYR A 475 35.52 1.61 35.90
C TYR A 475 34.51 0.56 36.38
N GLU A 476 34.13 0.60 37.64
CA GLU A 476 33.14 -0.31 38.13
C GLU A 476 31.79 0.22 37.65
N VAL A 477 30.90 -0.68 37.30
CA VAL A 477 29.57 -0.32 36.86
C VAL A 477 28.60 -0.22 38.03
N TYR A 478 27.91 0.90 38.11
CA TYR A 478 26.74 1.02 38.97
C TYR A 478 25.54 1.30 38.07
N ARG A 479 24.40 0.75 38.45
CA ARG A 479 23.17 0.88 37.68
C ARG A 479 21.94 0.76 38.57
N LYS A 480 20.99 1.66 38.40
CA LYS A 480 19.67 1.54 38.99
C LYS A 480 18.59 1.71 37.93
N SER A 481 17.62 0.83 37.98
CA SER A 481 16.64 0.77 36.93
C SER A 481 15.29 0.77 37.59
N GLY A 482 14.34 1.53 37.03
CA GLY A 482 12.99 1.55 37.55
C GLY A 482 11.90 2.16 36.67
N PRO A 483 10.66 2.14 37.17
CA PRO A 483 9.53 2.78 36.47
C PRO A 483 9.56 4.30 36.56
N VAL A 484 9.08 4.97 35.52
CA VAL A 484 8.90 6.44 35.56
C VAL A 484 7.41 6.81 35.64
N ALA A 485 7.07 7.58 36.68
CA ALA A 485 5.68 7.97 37.02
C ALA A 485 5.34 9.21 36.25
N TYR A 486 4.19 9.21 35.59
CA TYR A 486 3.70 10.41 34.92
C TYR A 486 2.45 10.89 35.64
N LYS A 487 2.50 12.13 36.16
CA LYS A 487 1.36 12.75 36.83
C LYS A 487 0.53 13.40 35.73
N GLY A 488 -0.14 12.56 34.94
CA GLY A 488 -0.77 12.98 33.69
C GLY A 488 -0.69 11.83 32.69
N ILE A 489 -1.29 12.01 31.52
CA ILE A 489 -1.31 10.96 30.51
C ILE A 489 -0.16 11.13 29.52
N ASN A 490 0.30 12.38 29.37
CA ASN A 490 1.35 12.74 28.42
C ASN A 490 2.71 12.58 29.08
N PHE A 491 3.66 11.99 28.36
CA PHE A 491 5.06 12.00 28.80
C PHE A 491 5.58 13.43 28.96
N GLN A 492 6.19 13.74 30.11
CA GLN A 492 6.87 15.02 30.29
C GLN A 492 8.34 14.82 30.70
N SER A 493 9.23 15.59 30.06
CA SER A 493 10.69 15.49 30.24
C SER A 493 11.06 15.59 31.71
N HIS A 494 10.52 16.58 32.40
CA HIS A 494 10.86 16.84 33.81
C HIS A 494 10.56 15.65 34.72
N GLU A 495 9.61 14.82 34.33
CA GLU A 495 9.34 13.59 35.08
C GLU A 495 10.44 12.56 34.91
N LEU A 496 10.97 12.48 33.70
CA LEU A 496 12.06 11.56 33.39
C LEU A 496 13.33 11.98 34.16
N LEU A 497 13.62 13.25 34.14
CA LEU A 497 14.72 13.82 34.89
C LEU A 497 14.60 13.51 36.38
N LYS A 498 13.43 13.76 36.95
CA LYS A 498 13.17 13.52 38.39
C LYS A 498 13.56 12.09 38.84
N VAL A 499 13.16 11.11 38.08
CA VAL A 499 13.49 9.75 38.43
C VAL A 499 15.02 9.54 38.28
N GLY A 500 15.60 10.01 37.17
CA GLY A 500 17.03 10.01 36.96
C GLY A 500 17.81 10.57 38.14
N ILE A 501 17.37 11.74 38.61
CA ILE A 501 17.98 12.40 39.76
C ILE A 501 17.94 11.52 41.02
N LYS A 502 16.83 10.82 41.20
CA LYS A 502 16.69 10.02 42.37
C LYS A 502 17.67 8.86 42.29
N PHE A 503 17.73 8.23 41.15
CA PHE A 503 18.56 7.07 40.95
C PHE A 503 20.04 7.43 41.12
N VAL A 504 20.45 8.57 40.60
CA VAL A 504 21.83 9.02 40.70
C VAL A 504 22.14 9.32 42.15
N THR A 505 21.16 9.90 42.84
CA THR A 505 21.27 10.16 44.26
C THR A 505 21.40 8.87 45.05
N ASP A 506 20.56 7.87 44.77
CA ASP A 506 20.71 6.57 45.43
C ASP A 506 22.06 5.90 45.17
N LEU A 507 22.59 6.08 43.97
CA LEU A 507 23.81 5.37 43.59
C LEU A 507 24.97 6.09 44.29
N ASP A 508 24.85 7.39 44.46
CA ASP A 508 25.87 8.14 45.14
C ASP A 508 26.02 7.64 46.57
N ILE A 509 24.89 7.38 47.22
CA ILE A 509 24.85 6.86 48.58
C ILE A 509 25.46 5.47 48.65
N LYS A 510 25.22 4.69 47.62
CA LYS A 510 25.74 3.34 47.47
C LYS A 510 27.24 3.29 47.43
N GLY A 511 27.83 4.29 46.80
CA GLY A 511 29.26 4.36 46.61
C GLY A 511 30.11 5.05 47.65
N LYS A 512 29.53 5.47 48.76
CA LYS A 512 30.32 6.15 49.79
C LYS A 512 31.40 5.23 50.34
N ASN A 513 32.59 5.78 50.49
CA ASN A 513 33.76 5.05 50.97
C ASN A 513 34.17 3.92 50.05
N LYS A 514 33.88 4.13 48.78
CA LYS A 514 34.20 3.19 47.74
C LYS A 514 34.64 3.99 46.55
N SER A 515 35.32 3.36 45.61
CA SER A 515 35.77 4.04 44.42
C SER A 515 34.52 4.59 43.74
N TYR A 516 34.55 5.85 43.34
CA TYR A 516 33.39 6.47 42.74
C TYR A 516 33.81 7.67 41.91
N TYR A 517 33.74 8.86 42.50
CA TYR A 517 34.16 10.07 41.82
C TYR A 517 35.65 10.13 41.71
N PRO A 518 36.15 10.71 40.61
CA PRO A 518 35.39 11.23 39.50
C PRO A 518 34.93 10.07 38.60
N LEU A 519 33.76 10.21 38.01
CA LEU A 519 33.18 9.16 37.24
C LEU A 519 33.84 9.15 35.87
N THR A 520 33.79 8.02 35.21
CA THR A 520 34.30 7.91 33.88
C THR A 520 33.19 7.70 32.86
N LYS A 521 31.98 7.45 33.33
CA LYS A 521 30.86 7.38 32.41
C LYS A 521 29.54 7.53 33.11
N LEU A 522 28.58 8.12 32.40
CA LEU A 522 27.25 8.29 32.92
C LEU A 522 26.27 8.22 31.78
N SER A 523 25.18 7.52 31.99
CA SER A 523 24.20 7.40 30.95
C SER A 523 22.78 7.13 31.49
N MET A 524 21.82 7.37 30.60
CA MET A 524 20.41 7.24 30.87
C MET A 524 19.84 6.53 29.67
N THR A 525 19.23 5.38 29.93
CA THR A 525 18.62 4.53 28.95
C THR A 525 17.13 4.43 29.28
N ILE A 526 16.30 4.65 28.27
CA ILE A 526 14.87 4.42 28.37
C ILE A 526 14.51 3.15 27.60
N THR A 527 13.52 2.44 28.15
CA THR A 527 13.01 1.18 27.61
C THR A 527 11.53 1.00 27.95
N ASN A 528 10.96 -0.12 27.50
CA ASN A 528 9.55 -0.44 27.71
C ASN A 528 8.71 0.70 27.21
N PHE A 529 8.86 0.93 25.91
CA PHE A 529 8.09 1.96 25.23
C PHE A 529 6.67 1.46 24.99
N ASP A 530 5.73 2.27 25.44
CA ASP A 530 4.35 2.05 25.08
C ASP A 530 4.03 2.89 23.86
N ILE A 531 3.76 2.19 22.77
CA ILE A 531 3.31 2.81 21.52
C ILE A 531 1.78 2.82 21.51
N ILE A 532 1.17 3.79 22.16
CA ILE A 532 -0.30 3.79 22.31
C ILE A 532 -0.99 4.36 21.06
N MET B 24 -8.07 27.80 16.34
CA MET B 24 -7.46 26.56 15.75
C MET B 24 -8.46 25.57 15.18
N SER B 25 -7.97 24.72 14.27
CA SER B 25 -8.76 23.68 13.64
C SER B 25 -9.30 22.68 14.64
N LYS B 26 -10.34 21.99 14.23
CA LYS B 26 -10.94 20.96 15.04
C LYS B 26 -10.13 19.64 14.92
N PHE B 27 -9.16 19.60 14.00
CA PHE B 27 -8.45 18.39 13.71
C PHE B 27 -6.98 18.49 14.09
N THR B 28 -6.36 17.34 14.31
CA THR B 28 -4.97 17.30 14.74
C THR B 28 -4.03 16.91 13.65
N TRP B 29 -2.75 17.18 13.86
CA TRP B 29 -1.71 16.74 12.93
C TRP B 29 -1.71 15.22 12.72
N LYS B 30 -1.86 14.45 13.77
CA LYS B 30 -1.95 13.03 13.66
C LYS B 30 -3.05 12.60 12.70
N GLU B 31 -4.23 13.16 12.89
CA GLU B 31 -5.38 12.85 12.03
C GLU B 31 -5.11 13.14 10.56
N LEU B 32 -4.43 14.25 10.29
CA LEU B 32 -4.03 14.56 8.92
C LEU B 32 -2.97 13.65 8.33
N ILE B 33 -1.94 13.34 9.13
CA ILE B 33 -0.81 12.45 8.69
C ILE B 33 -1.32 11.04 8.40
N GLN B 34 -2.26 10.54 9.20
CA GLN B 34 -2.90 9.24 8.98
C GLN B 34 -3.37 8.97 7.56
N LEU B 35 -3.88 9.99 6.86
CA LEU B 35 -4.32 9.81 5.49
C LEU B 35 -3.23 9.23 4.62
N GLY B 36 -1.98 9.49 4.94
CA GLY B 36 -0.83 8.89 4.23
C GLY B 36 -0.59 7.40 4.48
N SER B 37 -1.29 6.82 5.44
CA SER B 37 -1.14 5.44 5.80
C SER B 37 -2.31 4.60 5.31
N PRO B 38 -2.03 3.60 4.47
CA PRO B 38 -3.11 2.82 3.89
C PRO B 38 -3.82 2.06 4.95
N SER B 39 -3.07 1.69 5.97
CA SER B 39 -3.60 0.88 7.06
C SER B 39 -4.55 1.67 7.92
N LYS B 40 -4.26 2.96 8.16
CA LYS B 40 -5.04 3.73 9.17
C LYS B 40 -5.84 4.96 8.64
N ALA B 41 -5.72 5.26 7.35
CA ALA B 41 -6.37 6.44 6.75
C ALA B 41 -7.87 6.52 7.00
N TYR B 42 -8.52 5.35 7.07
CA TYR B 42 -9.99 5.26 7.21
C TYR B 42 -10.50 5.66 8.60
N GLU B 43 -9.68 5.43 9.62
CA GLU B 43 -9.95 5.79 11.03
C GLU B 43 -9.94 7.28 11.26
N SER B 44 -9.12 7.98 10.49
CA SER B 44 -9.01 9.42 10.60
C SER B 44 -10.35 10.09 10.32
N SER B 45 -10.69 11.11 11.08
CA SER B 45 -11.97 11.79 10.87
C SER B 45 -11.90 12.62 9.60
N LEU B 46 -10.68 12.76 9.11
CA LEU B 46 -10.36 13.52 7.94
C LEU B 46 -10.38 12.63 6.70
N ALA B 47 -10.89 11.42 6.86
CA ALA B 47 -10.92 10.47 5.77
C ALA B 47 -11.66 11.00 4.56
N CYS B 48 -11.19 10.61 3.39
CA CYS B 48 -11.87 10.87 2.17
C CYS B 48 -12.11 9.56 1.47
N ILE B 49 -13.36 9.16 1.37
CA ILE B 49 -13.70 7.92 0.81
C ILE B 49 -14.71 8.18 -0.29
N ALA B 50 -14.67 7.35 -1.30
CA ALA B 50 -15.53 7.47 -2.44
C ALA B 50 -16.18 6.11 -2.62
N HIS B 51 -17.45 6.12 -2.97
CA HIS B 51 -18.11 4.92 -3.43
C HIS B 51 -18.51 5.20 -4.86
N ILE B 52 -18.17 4.28 -5.76
CA ILE B 52 -18.46 4.49 -7.17
C ILE B 52 -19.23 3.32 -7.66
N ASP B 53 -20.30 3.64 -8.37
CA ASP B 53 -21.29 2.67 -8.77
C ASP B 53 -21.57 2.84 -10.23
N MET B 54 -21.66 1.72 -10.93
CA MET B 54 -21.91 1.78 -12.35
C MET B 54 -23.42 1.91 -12.65
N ASN B 55 -23.79 2.93 -13.40
CA ASN B 55 -25.18 3.14 -13.71
C ASN B 55 -25.72 2.05 -14.63
N ALA B 56 -26.83 1.44 -14.27
CA ALA B 56 -27.54 0.52 -15.17
C ALA B 56 -26.57 -0.39 -15.86
N PHE B 57 -25.71 -0.96 -15.05
CA PHE B 57 -24.48 -1.56 -15.53
C PHE B 57 -24.64 -2.54 -16.71
N PHE B 58 -25.47 -3.59 -16.56
CA PHE B 58 -25.59 -4.59 -17.64
C PHE B 58 -26.18 -3.96 -18.88
N ALA B 59 -27.08 -2.98 -18.74
CA ALA B 59 -27.66 -2.27 -19.90
C ALA B 59 -26.63 -1.54 -20.65
N GLN B 60 -25.80 -0.81 -19.92
CA GLN B 60 -24.75 -0.03 -20.54
C GLN B 60 -23.73 -0.90 -21.25
N VAL B 61 -23.35 -2.06 -20.68
CA VAL B 61 -22.36 -2.87 -21.37
C VAL B 61 -22.94 -3.37 -22.71
N GLU B 62 -24.23 -3.74 -22.68
CA GLU B 62 -24.89 -4.15 -23.89
C GLU B 62 -24.99 -2.98 -24.84
N GLN B 63 -25.24 -1.81 -24.31
CA GLN B 63 -25.46 -0.66 -25.16
C GLN B 63 -24.18 -0.35 -25.87
N MET B 64 -23.10 -0.34 -25.10
CA MET B 64 -21.77 -0.06 -25.65
C MET B 64 -21.37 -1.11 -26.69
N ARG B 65 -21.59 -2.37 -26.33
CA ARG B 65 -21.20 -3.46 -27.20
C ARG B 65 -21.92 -3.39 -28.53
N CYS B 66 -23.18 -2.97 -28.53
CA CYS B 66 -23.96 -2.86 -29.76
C CYS B 66 -23.84 -1.50 -30.46
N GLY B 67 -22.98 -0.61 -29.95
CA GLY B 67 -22.76 0.73 -30.59
C GLY B 67 -23.94 1.67 -30.38
N LEU B 68 -24.82 1.31 -29.48
CA LEU B 68 -26.01 2.11 -29.24
C LEU B 68 -25.66 3.35 -28.42
N SER B 69 -26.61 4.25 -28.33
CA SER B 69 -26.39 5.54 -27.71
C SER B 69 -26.99 5.48 -26.32
N LYS B 70 -26.56 6.37 -25.44
CA LYS B 70 -27.18 6.58 -24.12
C LYS B 70 -28.66 6.95 -24.22
N GLU B 71 -29.03 7.60 -25.32
CA GLU B 71 -30.43 7.93 -25.62
C GLU B 71 -31.31 6.78 -26.10
N ASP B 72 -30.70 5.65 -26.44
CA ASP B 72 -31.46 4.47 -26.85
C ASP B 72 -32.02 3.70 -25.65
N PRO B 73 -33.33 3.45 -25.66
CA PRO B 73 -33.93 2.66 -24.59
C PRO B 73 -33.56 1.17 -24.63
N VAL B 74 -32.51 0.80 -23.94
CA VAL B 74 -32.16 -0.60 -23.88
C VAL B 74 -32.46 -1.24 -22.54
N VAL B 75 -32.79 -2.52 -22.60
CA VAL B 75 -32.97 -3.30 -21.42
C VAL B 75 -32.18 -4.60 -21.63
N CYS B 76 -31.53 -5.07 -20.58
CA CYS B 76 -30.78 -6.33 -20.62
C CYS B 76 -31.69 -7.35 -20.08
N VAL B 77 -31.86 -8.45 -20.78
CA VAL B 77 -32.87 -9.43 -20.38
C VAL B 77 -32.29 -10.81 -20.32
N GLN B 78 -32.88 -11.61 -19.46
CA GLN B 78 -32.55 -12.99 -19.26
C GLN B 78 -33.88 -13.72 -19.32
N TRP B 79 -34.04 -14.64 -20.27
CA TRP B 79 -35.29 -15.37 -20.36
C TRP B 79 -36.45 -14.40 -20.54
N ASN B 80 -37.43 -14.45 -19.66
CA ASN B 80 -38.54 -13.50 -19.70
C ASN B 80 -38.40 -12.29 -18.78
N SER B 81 -37.36 -12.28 -17.96
CA SER B 81 -37.14 -11.17 -17.02
C SER B 81 -36.19 -10.09 -17.57
N ILE B 82 -36.43 -8.85 -17.15
CA ILE B 82 -35.56 -7.74 -17.40
C ILE B 82 -34.59 -7.63 -16.22
N ILE B 83 -33.28 -7.75 -16.48
CA ILE B 83 -32.29 -7.67 -15.36
C ILE B 83 -31.61 -6.34 -15.24
N ALA B 84 -31.64 -5.51 -16.27
CA ALA B 84 -31.16 -4.13 -16.12
C ALA B 84 -31.85 -3.23 -17.14
N VAL B 85 -32.07 -1.97 -16.75
CA VAL B 85 -32.81 -1.00 -17.50
C VAL B 85 -31.97 0.26 -17.66
N SER B 86 -31.65 0.62 -18.89
CA SER B 86 -30.92 1.86 -19.13
C SER B 86 -31.78 3.03 -18.67
N TYR B 87 -31.16 4.19 -18.45
CA TYR B 87 -31.89 5.38 -17.99
C TYR B 87 -32.86 5.91 -19.07
N ALA B 88 -32.47 5.81 -20.33
CA ALA B 88 -33.39 6.10 -21.42
C ALA B 88 -34.68 5.30 -21.27
N ALA B 89 -34.57 4.04 -20.93
CA ALA B 89 -35.74 3.21 -20.76
C ALA B 89 -36.50 3.59 -19.48
N ARG B 90 -35.79 4.00 -18.43
CA ARG B 90 -36.43 4.36 -17.19
C ARG B 90 -37.39 5.51 -17.35
N LYS B 91 -37.05 6.43 -18.24
CA LYS B 91 -37.93 7.52 -18.50
C LYS B 91 -39.35 7.08 -18.91
N TYR B 92 -39.50 5.88 -19.48
CA TYR B 92 -40.79 5.36 -19.88
C TYR B 92 -41.38 4.59 -18.75
N GLY B 93 -40.81 4.72 -17.56
CA GLY B 93 -41.35 4.05 -16.39
C GLY B 93 -41.09 2.57 -16.37
N ILE B 94 -40.19 2.11 -17.23
CA ILE B 94 -39.79 0.70 -17.20
C ILE B 94 -38.91 0.41 -16.00
N SER B 95 -39.04 -0.76 -15.43
CA SER B 95 -38.17 -1.16 -14.37
C SER B 95 -37.96 -2.66 -14.42
N ARG B 96 -37.14 -3.16 -13.54
CA ARG B 96 -36.87 -4.59 -13.44
C ARG B 96 -38.12 -5.45 -13.07
N MET B 97 -39.19 -4.80 -12.60
CA MET B 97 -40.48 -5.46 -12.26
C MET B 97 -41.33 -5.75 -13.48
N ASP B 98 -41.13 -4.97 -14.52
CA ASP B 98 -41.82 -5.18 -15.78
C ASP B 98 -41.38 -6.45 -16.45
N THR B 99 -42.28 -6.96 -17.26
CA THR B 99 -42.05 -8.09 -18.13
C THR B 99 -41.55 -7.50 -19.44
N ILE B 100 -40.97 -8.30 -20.31
CA ILE B 100 -40.51 -7.72 -21.56
C ILE B 100 -41.71 -7.17 -22.31
N GLN B 101 -42.74 -7.99 -22.39
CA GLN B 101 -43.97 -7.63 -23.07
C GLN B 101 -44.55 -6.34 -22.48
N GLU B 102 -44.65 -6.27 -21.16
CA GLU B 102 -45.11 -5.03 -20.50
C GLU B 102 -44.22 -3.82 -20.82
N ALA B 103 -42.91 -4.02 -20.79
CA ALA B 103 -41.96 -2.94 -21.05
C ALA B 103 -42.08 -2.48 -22.49
N LEU B 104 -42.25 -3.44 -23.39
CA LEU B 104 -42.62 -3.15 -24.77
C LEU B 104 -43.86 -2.27 -24.88
N LYS B 105 -44.85 -2.52 -24.03
CA LYS B 105 -46.06 -1.70 -23.97
C LYS B 105 -45.79 -0.27 -23.53
N LYS B 106 -44.84 -0.08 -22.62
CA LYS B 106 -44.53 1.26 -22.09
C LYS B 106 -43.65 2.05 -23.02
N CYS B 107 -42.95 1.32 -23.89
CA CYS B 107 -41.96 1.91 -24.80
C CYS B 107 -41.95 1.17 -26.12
N SER B 108 -42.31 1.85 -27.19
CA SER B 108 -42.40 1.21 -28.50
C SER B 108 -41.04 1.07 -29.18
N ASN B 109 -40.13 2.02 -28.96
CA ASN B 109 -38.81 1.86 -29.57
C ASN B 109 -37.78 1.07 -28.66
N LEU B 110 -38.28 0.35 -27.66
CA LEU B 110 -37.44 -0.42 -26.74
C LEU B 110 -36.53 -1.43 -27.43
N ILE B 111 -35.26 -1.49 -27.01
CA ILE B 111 -34.35 -2.51 -27.52
C ILE B 111 -33.96 -3.52 -26.44
N PRO B 112 -34.63 -4.66 -26.40
CA PRO B 112 -34.23 -5.66 -25.42
C PRO B 112 -33.05 -6.40 -25.93
N ILE B 113 -32.04 -6.60 -25.10
CA ILE B 113 -30.85 -7.34 -25.53
C ILE B 113 -30.58 -8.47 -24.58
N HIS B 114 -30.55 -9.68 -25.10
CA HIS B 114 -30.41 -10.83 -24.24
C HIS B 114 -28.96 -10.96 -23.89
N THR B 115 -28.72 -11.43 -22.69
CA THR B 115 -27.39 -11.83 -22.24
C THR B 115 -26.84 -12.94 -23.14
N ALA B 116 -25.52 -13.04 -23.18
CA ALA B 116 -24.87 -14.14 -23.84
C ALA B 116 -25.34 -15.43 -23.14
N VAL B 117 -25.37 -16.51 -23.89
CA VAL B 117 -25.77 -17.79 -23.34
C VAL B 117 -24.85 -18.89 -23.81
N PHE B 118 -24.72 -19.91 -22.96
CA PHE B 118 -24.11 -21.17 -23.37
C PHE B 118 -25.20 -22.06 -23.94
N LYS B 119 -24.92 -22.77 -25.03
CA LYS B 119 -25.82 -23.82 -25.51
C LYS B 119 -25.30 -25.18 -25.13
N LYS B 120 -26.21 -25.99 -24.59
CA LYS B 120 -25.93 -27.38 -24.26
C LYS B 120 -25.00 -28.04 -25.26
N GLY B 121 -23.94 -28.67 -24.75
CA GLY B 121 -22.99 -29.37 -25.59
C GLY B 121 -22.09 -28.41 -26.34
N GLU B 122 -21.90 -27.20 -25.83
CA GLU B 122 -20.96 -26.25 -26.38
C GLU B 122 -20.25 -25.65 -25.24
N ASP B 123 -18.95 -25.46 -25.42
CA ASP B 123 -18.08 -24.98 -24.37
C ASP B 123 -17.66 -23.52 -24.56
N PHE B 124 -18.54 -22.77 -25.19
CA PHE B 124 -18.32 -21.36 -25.36
C PHE B 124 -19.66 -20.68 -25.29
N TRP B 125 -19.66 -19.48 -24.76
CA TRP B 125 -20.87 -18.70 -24.74
C TRP B 125 -21.02 -17.90 -26.02
N GLN B 126 -22.22 -17.42 -26.25
CA GLN B 126 -22.48 -16.73 -27.48
C GLN B 126 -23.64 -15.76 -27.33
N TYR B 127 -23.54 -14.65 -28.04
CA TYR B 127 -24.63 -13.69 -28.14
C TYR B 127 -25.44 -14.02 -29.36
N HIS B 128 -26.74 -14.02 -29.18
CA HIS B 128 -27.69 -14.18 -30.26
C HIS B 128 -28.55 -12.93 -30.42
N ASP B 129 -28.00 -11.92 -31.04
CA ASP B 129 -28.71 -10.65 -31.09
C ASP B 129 -29.90 -10.80 -32.00
N GLY B 130 -31.01 -10.20 -31.63
CA GLY B 130 -32.22 -10.36 -32.39
C GLY B 130 -32.83 -11.72 -32.12
N CYS B 131 -32.63 -12.25 -30.92
CA CYS B 131 -33.32 -13.43 -30.49
C CYS B 131 -33.73 -13.23 -29.07
N GLY B 132 -34.81 -13.91 -28.70
CA GLY B 132 -35.39 -13.87 -27.37
C GLY B 132 -36.91 -14.08 -27.42
N SER B 133 -37.56 -14.06 -26.26
CA SER B 133 -38.93 -14.46 -26.18
C SER B 133 -39.87 -13.41 -26.75
N TRP B 134 -39.46 -12.17 -26.71
CA TRP B 134 -40.21 -11.09 -27.35
C TRP B 134 -40.19 -11.16 -28.89
N VAL B 135 -39.39 -12.06 -29.46
CA VAL B 135 -39.23 -12.07 -30.91
C VAL B 135 -40.20 -13.08 -31.49
N GLN B 136 -40.88 -12.67 -32.55
CA GLN B 136 -41.97 -13.47 -33.14
C GLN B 136 -41.48 -14.70 -33.91
N ASP B 137 -40.46 -14.54 -34.74
CA ASP B 137 -39.92 -15.68 -35.44
C ASP B 137 -39.58 -16.84 -34.48
N PRO B 138 -40.17 -18.02 -34.73
CA PRO B 138 -39.92 -19.24 -33.96
C PRO B 138 -38.47 -19.71 -34.01
N ALA B 139 -37.80 -19.40 -35.13
CA ALA B 139 -36.38 -19.67 -35.32
C ALA B 139 -35.51 -18.94 -34.29
N LYS B 140 -35.87 -17.68 -34.01
CA LYS B 140 -35.07 -16.77 -33.21
C LYS B 140 -35.39 -16.77 -31.72
N GLN B 141 -35.44 -17.95 -31.12
CA GLN B 141 -35.68 -18.08 -29.67
C GLN B 141 -34.44 -18.60 -28.93
N ILE B 142 -34.38 -18.33 -27.64
CA ILE B 142 -33.29 -18.77 -26.81
C ILE B 142 -33.92 -19.64 -25.73
N SER B 143 -34.07 -20.91 -26.05
CA SER B 143 -34.76 -21.84 -25.18
C SER B 143 -34.07 -21.99 -23.85
N VAL B 144 -34.84 -21.80 -22.78
CA VAL B 144 -34.29 -21.98 -21.45
C VAL B 144 -33.88 -23.42 -21.21
N GLU B 145 -34.59 -24.34 -21.85
CA GLU B 145 -34.27 -25.78 -21.74
C GLU B 145 -32.84 -26.13 -22.14
N ASP B 146 -32.34 -25.55 -23.24
CA ASP B 146 -31.02 -25.92 -23.77
C ASP B 146 -29.92 -24.85 -23.61
N HIS B 147 -30.19 -23.84 -22.78
CA HIS B 147 -29.26 -22.72 -22.57
C HIS B 147 -29.05 -22.36 -21.10
N LYS B 148 -27.94 -21.69 -20.87
CA LYS B 148 -27.55 -21.25 -19.55
C LYS B 148 -26.90 -19.92 -19.71
N VAL B 149 -27.24 -19.02 -18.81
CA VAL B 149 -26.83 -17.64 -18.93
C VAL B 149 -25.37 -17.50 -18.62
N SER B 150 -24.71 -16.61 -19.36
CA SER B 150 -23.33 -16.20 -19.05
C SER B 150 -23.22 -14.73 -18.68
N LEU B 151 -22.64 -14.50 -17.49
CA LEU B 151 -22.25 -13.16 -16.96
C LEU B 151 -20.81 -12.75 -17.25
N GLU B 152 -20.12 -13.53 -18.07
CA GLU B 152 -18.72 -13.26 -18.32
C GLU B 152 -18.56 -11.83 -18.85
N PRO B 153 -19.40 -11.43 -19.81
CA PRO B 153 -19.17 -10.12 -20.40
C PRO B 153 -19.19 -9.02 -19.37
N TYR B 154 -20.08 -9.14 -18.39
CA TYR B 154 -20.23 -8.14 -17.35
C TYR B 154 -19.07 -8.24 -16.37
N ARG B 155 -18.65 -9.44 -16.07
CA ARG B 155 -17.51 -9.64 -15.19
C ARG B 155 -16.24 -9.07 -15.78
N ARG B 156 -16.09 -9.37 -17.04
CA ARG B 156 -14.99 -8.89 -17.82
C ARG B 156 -14.95 -7.37 -17.91
N GLU B 157 -16.09 -6.75 -18.20
CA GLU B 157 -16.14 -5.27 -18.25
C GLU B 157 -15.88 -4.67 -16.88
N SER B 158 -16.30 -5.38 -15.85
CA SER B 158 -16.13 -4.92 -14.47
C SER B 158 -14.63 -4.84 -14.15
N ARG B 159 -13.89 -5.80 -14.70
CA ARG B 159 -12.50 -5.91 -14.44
C ARG B 159 -11.71 -4.80 -15.13
N LYS B 160 -12.22 -4.33 -16.27
CA LYS B 160 -11.62 -3.21 -16.93
C LYS B 160 -11.70 -1.95 -16.07
N ALA B 161 -12.87 -1.72 -15.48
CA ALA B 161 -13.08 -0.55 -14.65
C ALA B 161 -12.11 -0.66 -13.49
N LEU B 162 -11.98 -1.85 -12.95
CA LEU B 162 -11.14 -2.06 -11.81
C LEU B 162 -9.72 -1.62 -12.11
N LYS B 163 -9.22 -1.98 -13.29
CA LYS B 163 -7.87 -1.64 -13.61
C LYS B 163 -7.76 -0.14 -13.68
N ILE B 164 -8.80 0.52 -14.18
CA ILE B 164 -8.76 1.96 -14.28
C ILE B 164 -8.76 2.58 -12.86
N PHE B 165 -9.52 1.95 -11.96
CA PHE B 165 -9.62 2.51 -10.60
C PHE B 165 -8.30 2.30 -9.88
N LYS B 166 -7.72 1.10 -10.02
CA LYS B 166 -6.43 0.80 -9.38
C LYS B 166 -5.28 1.65 -9.91
N SER B 167 -5.34 2.07 -11.17
CA SER B 167 -4.29 2.92 -11.66
C SER B 167 -4.33 4.26 -10.94
N ALA B 168 -5.52 4.72 -10.56
CA ALA B 168 -5.71 6.07 -10.03
C ALA B 168 -5.64 6.15 -8.48
N CYS B 169 -5.75 5.03 -7.80
CA CYS B 169 -5.89 4.99 -6.38
C CYS B 169 -5.21 3.75 -5.83
N ASP B 170 -4.54 3.90 -4.69
CA ASP B 170 -3.69 2.87 -4.18
C ASP B 170 -4.44 1.85 -3.32
N LEU B 171 -5.71 2.14 -3.01
CA LEU B 171 -6.46 1.30 -2.10
C LEU B 171 -7.90 1.27 -2.61
N VAL B 172 -8.21 0.19 -3.32
CA VAL B 172 -9.47 0.05 -3.95
C VAL B 172 -10.13 -1.22 -3.48
N GLU B 173 -11.33 -1.12 -2.95
CA GLU B 173 -12.13 -2.27 -2.59
C GLU B 173 -13.11 -2.57 -3.70
N ARG B 174 -13.15 -3.82 -4.13
CA ARG B 174 -14.22 -4.28 -5.01
CA ARG B 174 -14.22 -4.27 -5.01
C ARG B 174 -15.43 -4.62 -4.16
N ALA B 175 -16.40 -3.72 -4.06
CA ALA B 175 -17.63 -3.94 -3.24
C ALA B 175 -18.65 -4.89 -3.87
N SER B 176 -18.63 -4.96 -5.19
CA SER B 176 -19.57 -5.83 -5.92
C SER B 176 -19.16 -5.80 -7.39
N ILE B 177 -19.98 -6.36 -8.25
CA ILE B 177 -19.58 -6.53 -9.64
C ILE B 177 -19.49 -5.16 -10.30
N ASP B 178 -20.23 -4.18 -9.78
CA ASP B 178 -20.28 -2.87 -10.41
C ASP B 178 -20.00 -1.69 -9.50
N GLU B 179 -19.44 -1.95 -8.33
CA GLU B 179 -19.08 -0.89 -7.41
C GLU B 179 -17.69 -1.05 -6.83
N VAL B 180 -17.08 0.06 -6.49
CA VAL B 180 -15.81 0.07 -5.78
C VAL B 180 -15.86 1.10 -4.69
N PHE B 181 -15.08 0.85 -3.65
CA PHE B 181 -14.81 1.89 -2.68
C PHE B 181 -13.42 2.33 -2.98
N LEU B 182 -13.18 3.62 -2.87
CA LEU B 182 -11.84 4.17 -2.93
C LEU B 182 -11.46 4.91 -1.66
N ASP B 183 -10.28 4.61 -1.15
CA ASP B 183 -9.68 5.44 -0.13
C ASP B 183 -8.76 6.44 -0.77
N LEU B 184 -9.23 7.68 -0.83
CA LEU B 184 -8.55 8.77 -1.51
C LEU B 184 -7.52 9.52 -0.63
N GLY B 185 -7.22 9.00 0.55
CA GLY B 185 -6.38 9.71 1.51
C GLY B 185 -4.95 10.02 1.13
N ARG B 186 -4.25 9.06 0.53
CA ARG B 186 -2.87 9.38 0.09
C ARG B 186 -2.93 10.47 -0.96
N ILE B 187 -3.81 10.29 -1.95
CA ILE B 187 -3.92 11.29 -3.01
C ILE B 187 -4.28 12.65 -2.44
N CYS B 188 -5.20 12.69 -1.47
CA CYS B 188 -5.62 13.99 -0.97
C CYS B 188 -4.52 14.67 -0.15
N PHE B 189 -3.88 13.92 0.73
CA PHE B 189 -2.77 14.46 1.52
C PHE B 189 -1.62 14.95 0.62
N ASN B 190 -1.24 14.17 -0.38
CA ASN B 190 -0.09 14.54 -1.21
C ASN B 190 -0.38 15.70 -2.06
N MET B 191 -1.62 15.78 -2.46
CA MET B 191 -2.05 16.88 -3.23
C MET B 191 -2.01 18.10 -2.31
N LEU B 192 -2.52 17.94 -1.09
CA LEU B 192 -2.57 19.04 -0.16
C LEU B 192 -1.16 19.57 0.22
N MET B 193 -0.21 18.68 0.45
CA MET B 193 1.13 19.06 0.91
C MET B 193 2.15 19.29 -0.19
N PHE B 194 1.95 18.71 -1.37
CA PHE B 194 3.02 18.72 -2.38
C PHE B 194 2.65 19.01 -3.81
N ASP B 195 1.38 19.16 -4.15
CA ASP B 195 1.04 19.44 -5.55
C ASP B 195 1.35 20.91 -5.84
N ASN B 196 2.28 21.19 -6.75
CA ASN B 196 2.67 22.57 -7.07
C ASN B 196 2.08 23.05 -8.38
N GLU B 197 1.36 22.15 -9.04
CA GLU B 197 0.71 22.42 -10.32
C GLU B 197 -0.70 22.96 -10.11
N TYR B 198 -1.46 22.32 -9.22
CA TYR B 198 -2.91 22.59 -9.09
C TYR B 198 -3.19 24.05 -8.82
N GLU B 199 -4.16 24.57 -9.56
CA GLU B 199 -4.53 26.00 -9.53
C GLU B 199 -5.93 26.18 -8.95
N LEU B 200 -6.04 26.98 -7.90
CA LEU B 200 -7.35 27.30 -7.32
C LEU B 200 -8.19 28.18 -8.25
N THR B 201 -7.54 29.20 -8.77
CA THR B 201 -8.09 30.05 -9.80
C THR B 201 -6.92 30.43 -10.74
N GLY B 202 -7.21 31.26 -11.73
CA GLY B 202 -6.17 31.70 -12.69
C GLY B 202 -5.03 32.45 -12.03
N ASP B 203 -5.34 33.16 -10.96
CA ASP B 203 -4.33 33.95 -10.26
C ASP B 203 -3.76 33.28 -8.99
N LEU B 204 -4.17 32.04 -8.72
CA LEU B 204 -3.90 31.40 -7.41
C LEU B 204 -3.64 29.90 -7.51
N LYS B 205 -2.46 29.51 -7.04
CA LYS B 205 -2.07 28.11 -6.97
C LYS B 205 -2.25 27.55 -5.58
N LEU B 206 -2.61 26.28 -5.56
CA LEU B 206 -2.73 25.54 -4.32
C LEU B 206 -1.52 25.73 -3.41
N LYS B 207 -0.32 25.67 -3.96
CA LYS B 207 0.92 25.83 -3.19
C LYS B 207 0.95 27.18 -2.47
N ASP B 208 0.45 28.21 -3.15
CA ASP B 208 0.39 29.54 -2.56
C ASP B 208 -0.68 29.59 -1.51
N ALA B 209 -1.88 29.15 -1.86
CA ALA B 209 -2.99 29.07 -0.91
C ALA B 209 -2.63 28.37 0.40
N LEU B 210 -1.88 27.29 0.31
CA LEU B 210 -1.57 26.45 1.48
C LEU B 210 -0.09 26.51 1.96
N SER B 211 0.59 27.65 1.75
CA SER B 211 1.94 27.88 2.28
C SER B 211 2.09 27.58 3.74
N ASN B 212 1.17 28.09 4.55
CA ASN B 212 1.37 28.01 5.97
C ASN B 212 1.48 26.56 6.36
N ILE B 213 0.43 25.79 6.08
CA ILE B 213 0.36 24.38 6.46
C ILE B 213 1.55 23.59 5.85
N ARG B 214 1.87 23.84 4.59
CA ARG B 214 2.99 23.11 3.96
C ARG B 214 4.32 23.34 4.71
N GLU B 215 4.56 24.60 5.08
CA GLU B 215 5.77 24.94 5.82
C GLU B 215 5.75 24.29 7.15
N ALA B 216 4.61 24.29 7.79
CA ALA B 216 4.56 23.72 9.11
C ALA B 216 4.87 22.24 9.00
N PHE B 217 4.36 21.59 7.98
CA PHE B 217 4.50 20.15 7.88
C PHE B 217 5.96 19.79 7.68
N ILE B 218 6.56 20.40 6.68
CA ILE B 218 7.94 20.17 6.39
C ILE B 218 8.84 20.66 7.54
N GLY B 219 8.37 21.71 8.26
CA GLY B 219 9.07 22.30 9.38
C GLY B 219 9.31 21.31 10.47
N GLY B 220 8.41 20.38 10.64
CA GLY B 220 8.57 19.33 11.65
C GLY B 220 8.27 19.75 13.08
N ASN B 221 7.99 21.02 13.28
CA ASN B 221 7.75 21.53 14.63
C ASN B 221 6.30 21.45 15.03
N TYR B 222 5.82 20.25 15.29
CA TYR B 222 4.48 20.13 15.83
C TYR B 222 4.41 18.87 16.65
N ASP B 223 3.56 18.86 17.65
CA ASP B 223 3.20 17.66 18.39
C ASP B 223 2.10 17.01 17.54
N ILE B 224 2.16 15.70 17.38
CA ILE B 224 1.16 15.04 16.56
C ILE B 224 -0.27 15.29 17.09
N ASN B 225 -0.39 15.56 18.38
CA ASN B 225 -1.68 15.79 19.04
C ASN B 225 -2.08 17.24 19.09
N SER B 226 -1.22 18.10 18.56
CA SER B 226 -1.56 19.49 18.37
C SER B 226 -2.64 19.64 17.30
N HIS B 227 -3.54 20.58 17.51
CA HIS B 227 -4.56 20.88 16.53
C HIS B 227 -3.88 21.58 15.40
N LEU B 228 -4.40 21.36 14.19
CA LEU B 228 -3.86 21.97 12.99
C LEU B 228 -4.11 23.47 13.04
N PRO B 229 -3.30 24.23 12.34
CA PRO B 229 -3.63 25.61 12.14
C PRO B 229 -4.98 25.75 11.36
N LEU B 230 -5.66 26.88 11.56
CA LEU B 230 -6.93 27.15 10.92
C LEU B 230 -6.70 27.25 9.42
N ILE B 231 -7.65 26.75 8.64
CA ILE B 231 -7.55 26.81 7.21
C ILE B 231 -7.31 28.26 6.78
N PRO B 232 -6.49 28.47 5.75
CA PRO B 232 -6.29 29.81 5.31
C PRO B 232 -7.53 30.29 4.54
N GLU B 233 -7.82 31.57 4.62
CA GLU B 233 -8.98 32.13 3.98
C GLU B 233 -8.96 31.86 2.47
N LYS B 234 -7.77 31.80 1.91
CA LYS B 234 -7.61 31.55 0.49
C LYS B 234 -8.08 30.17 0.02
N ILE B 235 -8.14 29.19 0.91
CA ILE B 235 -8.42 27.81 0.48
C ILE B 235 -9.92 27.66 0.21
N LYS B 236 -10.68 28.68 0.61
CA LYS B 236 -12.09 28.76 0.31
C LYS B 236 -12.36 28.99 -1.17
N SER B 237 -11.37 29.29 -1.98
CA SER B 237 -11.61 29.25 -3.46
C SER B 237 -11.44 27.85 -4.08
N LEU B 238 -11.20 26.84 -3.24
CA LEU B 238 -11.13 25.48 -3.71
C LEU B 238 -12.55 25.07 -4.07
N LYS B 239 -12.71 24.47 -5.23
CA LYS B 239 -14.03 24.06 -5.67
C LYS B 239 -14.30 22.62 -5.42
N PHE B 240 -15.54 22.36 -5.12
CA PHE B 240 -16.07 21.02 -5.10
C PHE B 240 -16.53 20.67 -6.51
N GLU B 241 -16.18 19.50 -6.97
CA GLU B 241 -16.77 18.96 -8.16
C GLU B 241 -17.86 17.96 -7.79
N GLY B 242 -19.09 18.27 -8.19
CA GLY B 242 -20.26 17.45 -7.92
C GLY B 242 -21.24 18.25 -7.09
N ASP B 243 -22.36 17.64 -6.74
CA ASP B 243 -23.37 18.30 -5.93
C ASP B 243 -23.00 18.17 -4.46
N VAL B 244 -22.87 19.31 -3.81
CA VAL B 244 -22.60 19.31 -2.41
C VAL B 244 -23.92 19.36 -1.66
N PHE B 245 -24.31 18.23 -1.05
CA PHE B 245 -25.51 18.16 -0.30
C PHE B 245 -25.48 19.13 0.89
N ASN B 246 -26.37 20.12 0.84
CA ASN B 246 -26.39 21.22 1.75
C ASN B 246 -27.73 21.96 1.79
N PRO B 247 -28.77 21.25 2.21
CA PRO B 247 -30.11 21.84 2.32
C PRO B 247 -30.14 23.01 3.33
N GLU B 248 -29.26 22.98 4.32
CA GLU B 248 -29.22 24.04 5.33
C GLU B 248 -28.34 25.18 4.94
N GLY B 249 -27.71 25.17 3.79
CA GLY B 249 -26.99 26.36 3.38
C GLY B 249 -25.72 26.62 4.16
N ARG B 250 -25.03 25.57 4.60
CA ARG B 250 -23.80 25.78 5.33
C ARG B 250 -22.70 26.30 4.40
N ASP B 251 -21.68 26.92 4.98
CA ASP B 251 -20.53 27.33 4.17
C ASP B 251 -19.81 26.07 3.62
N LEU B 252 -19.22 26.19 2.43
CA LEU B 252 -18.68 25.01 1.80
C LEU B 252 -17.38 24.51 2.46
N ILE B 253 -16.45 25.43 2.65
CA ILE B 253 -15.12 25.10 3.14
C ILE B 253 -14.86 25.81 4.44
N THR B 254 -15.00 25.11 5.55
CA THR B 254 -14.82 25.74 6.85
C THR B 254 -13.75 25.10 7.73
N ASP B 255 -13.26 23.93 7.37
CA ASP B 255 -12.19 23.23 8.04
C ASP B 255 -11.50 22.24 7.05
N TRP B 256 -10.46 21.54 7.51
CA TRP B 256 -9.60 20.78 6.64
C TRP B 256 -10.32 19.55 6.08
N ASP B 257 -11.35 19.13 6.77
CA ASP B 257 -12.15 18.05 6.23
C ASP B 257 -12.75 18.43 4.90
N ASP B 258 -13.21 19.67 4.77
CA ASP B 258 -13.88 20.09 3.55
C ASP B 258 -12.89 20.20 2.47
N VAL B 259 -11.70 20.68 2.82
CA VAL B 259 -10.62 20.82 1.84
C VAL B 259 -10.17 19.49 1.24
N ILE B 260 -10.00 18.49 2.07
CA ILE B 260 -9.57 17.17 1.61
C ILE B 260 -10.70 16.60 0.72
N LEU B 261 -11.93 16.76 1.19
CA LEU B 261 -13.10 16.34 0.49
C LEU B 261 -13.23 17.04 -0.88
N ALA B 262 -12.95 18.33 -0.96
CA ALA B 262 -13.02 19.00 -2.25
C ALA B 262 -11.92 18.45 -3.18
N LEU B 263 -10.73 18.24 -2.63
CA LEU B 263 -9.65 17.69 -3.45
C LEU B 263 -10.05 16.32 -3.97
N GLY B 264 -10.58 15.50 -3.08
CA GLY B 264 -11.07 14.19 -3.44
C GLY B 264 -12.16 14.26 -4.50
N SER B 265 -13.10 15.21 -4.40
CA SER B 265 -14.09 15.34 -5.43
C SER B 265 -13.46 15.65 -6.79
N GLN B 266 -12.43 16.47 -6.85
CA GLN B 266 -11.74 16.69 -8.15
C GLN B 266 -11.07 15.42 -8.68
N VAL B 267 -10.42 14.67 -7.79
CA VAL B 267 -9.77 13.46 -8.18
C VAL B 267 -10.82 12.45 -8.68
N CYS B 268 -11.92 12.33 -7.99
CA CYS B 268 -12.96 11.41 -8.43
C CYS B 268 -13.53 11.73 -9.76
N LYS B 269 -13.72 13.00 -10.04
CA LYS B 269 -14.33 13.37 -11.33
C LYS B 269 -13.41 12.83 -12.45
N GLY B 270 -12.13 13.19 -12.39
CA GLY B 270 -11.14 12.64 -13.31
C GLY B 270 -11.15 11.11 -13.44
N ILE B 271 -11.25 10.39 -12.34
CA ILE B 271 -11.32 8.93 -12.44
C ILE B 271 -12.60 8.50 -13.20
N ARG B 272 -13.71 9.14 -12.92
CA ARG B 272 -14.93 8.70 -13.53
C ARG B 272 -14.94 9.10 -14.97
N ASP B 273 -14.24 10.21 -15.28
CA ASP B 273 -14.08 10.69 -16.63
C ASP B 273 -13.24 9.73 -17.43
N SER B 274 -12.18 9.16 -16.84
CA SER B 274 -11.47 8.07 -17.51
C SER B 274 -12.39 6.90 -17.80
N ILE B 275 -13.23 6.53 -16.86
CA ILE B 275 -14.07 5.38 -17.09
C ILE B 275 -14.93 5.65 -18.29
N LYS B 276 -15.47 6.85 -18.34
CA LYS B 276 -16.33 7.28 -19.41
C LYS B 276 -15.64 7.35 -20.76
N ASP B 277 -14.45 7.94 -20.78
CA ASP B 277 -13.67 8.09 -22.00
C ASP B 277 -13.14 6.79 -22.58
N ILE B 278 -12.59 5.95 -21.72
CA ILE B 278 -12.01 4.71 -22.14
C ILE B 278 -13.05 3.64 -22.38
N LEU B 279 -14.02 3.55 -21.47
CA LEU B 279 -15.00 2.45 -21.56
C LEU B 279 -16.40 2.94 -21.92
N GLY B 280 -16.63 4.25 -21.82
CA GLY B 280 -17.98 4.82 -22.10
C GLY B 280 -19.06 4.60 -21.03
N TYR B 281 -18.71 4.02 -19.88
CA TYR B 281 -19.68 3.87 -18.77
C TYR B 281 -19.82 5.11 -17.84
N THR B 282 -21.08 5.45 -17.56
CA THR B 282 -21.39 6.51 -16.63
C THR B 282 -21.51 5.88 -15.22
N THR B 283 -21.17 6.69 -14.24
CA THR B 283 -21.14 6.25 -12.91
C THR B 283 -21.76 7.26 -12.01
N SER B 284 -22.17 6.77 -10.83
CA SER B 284 -22.59 7.64 -9.76
C SER B 284 -21.64 7.48 -8.61
N CYS B 285 -21.34 8.58 -7.93
CA CYS B 285 -20.34 8.59 -6.93
C CYS B 285 -20.76 9.35 -5.69
N GLY B 286 -20.40 8.79 -4.53
CA GLY B 286 -20.58 9.40 -3.24
C GLY B 286 -19.24 9.60 -2.55
N LEU B 287 -19.06 10.83 -2.06
CA LEU B 287 -17.88 11.17 -1.29
C LEU B 287 -18.25 11.61 0.11
N SER B 288 -17.61 11.03 1.09
CA SER B 288 -17.79 11.39 2.47
C SER B 288 -16.61 10.82 3.27
N SER B 289 -16.65 11.00 4.57
CA SER B 289 -15.63 10.49 5.41
C SER B 289 -15.79 8.98 5.69
N THR B 290 -16.89 8.39 5.26
CA THR B 290 -17.23 7.03 5.67
C THR B 290 -17.75 6.24 4.51
N LYS B 291 -17.40 4.95 4.45
CA LYS B 291 -17.95 4.07 3.43
C LYS B 291 -19.45 4.05 3.38
N ASN B 292 -20.07 3.90 4.55
CA ASN B 292 -21.48 3.81 4.65
CA ASN B 292 -21.52 3.81 4.61
C ASN B 292 -22.26 5.01 4.08
N VAL B 293 -21.83 6.19 4.47
CA VAL B 293 -22.39 7.40 3.93
C VAL B 293 -22.11 7.50 2.43
N CYS B 294 -20.90 7.12 2.00
CA CYS B 294 -20.57 7.07 0.57
C CYS B 294 -21.52 6.24 -0.26
N LYS B 295 -21.95 5.12 0.29
CA LYS B 295 -22.88 4.24 -0.43
C LYS B 295 -24.26 4.86 -0.62
N LEU B 296 -24.75 5.54 0.40
CA LEU B 296 -26.03 6.21 0.28
C LEU B 296 -25.88 7.34 -0.71
N ALA B 297 -24.76 8.06 -0.60
CA ALA B 297 -24.52 9.22 -1.44
C ALA B 297 -24.37 8.85 -2.93
N SER B 298 -23.72 7.73 -3.28
CA SER B 298 -23.59 7.35 -4.70
C SER B 298 -24.97 7.09 -5.27
N ASN B 299 -25.82 6.44 -4.49
CA ASN B 299 -27.16 6.14 -4.96
C ASN B 299 -28.11 7.34 -4.98
N TYR B 300 -27.72 8.45 -4.41
CA TYR B 300 -28.67 9.50 -4.16
C TYR B 300 -29.13 10.18 -5.44
N LYS B 301 -28.21 10.38 -6.36
CA LYS B 301 -28.48 10.99 -7.64
C LYS B 301 -27.81 10.17 -8.74
N LYS B 302 -28.64 9.72 -9.65
CA LYS B 302 -28.23 8.95 -10.80
C LYS B 302 -29.00 9.43 -12.02
N PRO B 303 -28.41 9.33 -13.20
CA PRO B 303 -27.07 8.78 -13.42
C PRO B 303 -26.04 9.86 -13.52
N ASP B 304 -24.79 9.45 -13.67
CA ASP B 304 -23.72 10.38 -14.06
C ASP B 304 -23.74 11.59 -13.13
N ALA B 305 -23.68 11.31 -11.85
CA ALA B 305 -23.73 12.37 -10.86
C ALA B 305 -22.75 12.02 -9.79
N GLN B 306 -22.42 13.01 -9.00
CA GLN B 306 -21.45 12.88 -7.94
C GLN B 306 -22.01 13.70 -6.76
N THR B 307 -22.29 13.04 -5.65
CA THR B 307 -22.87 13.67 -4.49
C THR B 307 -21.84 13.65 -3.37
N ILE B 308 -21.67 14.78 -2.74
CA ILE B 308 -20.66 14.92 -1.73
C ILE B 308 -21.28 15.32 -0.40
N VAL B 309 -20.97 14.61 0.66
CA VAL B 309 -21.59 14.89 1.96
C VAL B 309 -20.55 15.34 2.97
N LYS B 310 -20.52 16.61 3.24
CA LYS B 310 -19.56 17.12 4.23
C LYS B 310 -19.87 16.59 5.61
N ASN B 311 -18.86 16.48 6.47
CA ASN B 311 -19.08 16.13 7.85
C ASN B 311 -20.17 16.98 8.50
N ASP B 312 -20.19 18.28 8.22
CA ASP B 312 -21.23 19.13 8.84
C ASP B 312 -22.62 18.91 8.30
N CYS B 313 -22.77 18.08 7.26
CA CYS B 313 -24.06 17.85 6.65
C CYS B 313 -24.48 16.41 6.82
N LEU B 314 -23.73 15.61 7.56
CA LEU B 314 -24.08 14.21 7.74
C LEU B 314 -25.48 13.96 8.30
N LEU B 315 -25.86 14.70 9.33
CA LEU B 315 -27.23 14.55 9.89
C LEU B 315 -28.29 15.15 8.93
N ASP B 316 -27.98 16.27 8.29
CA ASP B 316 -28.92 16.77 7.28
C ASP B 316 -29.14 15.74 6.18
N PHE B 317 -28.08 15.04 5.82
CA PHE B 317 -28.15 14.01 4.78
C PHE B 317 -28.83 12.73 5.24
N LEU B 318 -28.41 12.18 6.36
CA LEU B 318 -29.11 11.02 6.92
C LEU B 318 -30.64 11.24 7.16
N ASP B 319 -31.04 12.46 7.45
CA ASP B 319 -32.43 12.74 7.86
C ASP B 319 -33.17 13.38 6.73
N CYS B 320 -32.53 13.52 5.55
CA CYS B 320 -33.17 14.19 4.39
C CYS B 320 -34.50 13.57 4.04
N GLY B 321 -34.74 12.33 4.47
CA GLY B 321 -36.06 11.70 4.24
C GLY B 321 -36.00 10.49 3.33
N LYS B 322 -34.91 10.37 2.56
CA LYS B 322 -34.70 9.18 1.70
C LYS B 322 -34.35 7.94 2.50
N PHE B 323 -33.78 8.07 3.68
CA PHE B 323 -33.12 6.92 4.30
C PHE B 323 -33.76 6.44 5.58
N GLU B 324 -33.60 5.15 5.82
CA GLU B 324 -34.01 4.51 7.05
C GLU B 324 -32.83 3.69 7.52
N ILE B 325 -32.91 3.10 8.69
CA ILE B 325 -31.80 2.28 9.16
C ILE B 325 -31.48 1.13 8.17
N THR B 326 -32.51 0.67 7.46
CA THR B 326 -32.37 -0.41 6.53
C THR B 326 -31.65 0.05 5.24
N SER B 327 -31.47 1.35 5.12
CA SER B 327 -30.77 1.98 4.02
C SER B 327 -29.28 1.67 4.07
N PHE B 328 -28.79 1.56 5.29
CA PHE B 328 -27.39 1.36 5.58
C PHE B 328 -26.81 0.07 5.07
N TRP B 329 -25.53 0.17 4.75
CA TRP B 329 -24.74 -0.93 4.27
C TRP B 329 -24.66 -1.98 5.37
N THR B 330 -24.97 -3.21 5.00
CA THR B 330 -24.95 -4.34 5.94
C THR B 330 -26.27 -4.44 6.73
N LEU B 331 -27.17 -3.46 6.56
CA LEU B 331 -28.44 -3.39 7.31
C LEU B 331 -29.62 -3.39 6.37
N GLY B 332 -29.33 -3.55 5.08
CA GLY B 332 -30.38 -3.50 4.07
C GLY B 332 -31.04 -4.84 3.89
N GLY B 333 -30.67 -5.82 4.73
CA GLY B 333 -31.15 -7.19 4.55
C GLY B 333 -32.09 -7.61 5.66
N VAL B 334 -32.10 -8.92 5.94
CA VAL B 334 -32.95 -9.47 6.99
C VAL B 334 -32.72 -8.78 8.34
N LEU B 335 -31.44 -8.50 8.67
CA LEU B 335 -31.07 -7.90 9.96
C LEU B 335 -31.72 -6.52 10.16
N GLY B 336 -31.69 -5.75 9.08
CA GLY B 336 -32.27 -4.43 9.05
C GLY B 336 -33.73 -4.47 9.43
N LYS B 337 -34.49 -5.32 8.74
CA LYS B 337 -35.91 -5.47 9.06
C LYS B 337 -36.14 -6.00 10.46
N GLU B 338 -35.27 -6.87 10.93
CA GLU B 338 -35.42 -7.39 12.28
C GLU B 338 -35.24 -6.29 13.31
N LEU B 339 -34.27 -5.42 13.07
CA LEU B 339 -33.96 -4.28 13.96
C LEU B 339 -35.14 -3.27 14.07
N ILE B 340 -35.83 -3.03 12.95
CA ILE B 340 -37.04 -2.24 12.94
C ILE B 340 -37.98 -2.76 14.03
N ASP B 341 -38.32 -4.04 13.93
CA ASP B 341 -39.16 -4.67 14.92
C ASP B 341 -38.48 -4.69 16.30
N VAL B 342 -37.23 -5.12 16.41
CA VAL B 342 -36.65 -5.29 17.73
C VAL B 342 -36.54 -4.00 18.51
N LEU B 343 -36.14 -2.92 17.84
CA LEU B 343 -35.95 -1.64 18.54
C LEU B 343 -37.16 -0.74 18.36
N ASP B 344 -38.30 -1.34 18.02
CA ASP B 344 -39.55 -0.62 17.88
C ASP B 344 -39.28 0.69 17.17
N LEU B 345 -38.66 0.63 16.01
CA LEU B 345 -38.25 1.83 15.35
C LEU B 345 -39.41 2.22 14.55
N PRO B 346 -39.58 3.52 14.32
CA PRO B 346 -40.64 4.00 13.47
C PRO B 346 -40.38 3.63 12.02
N HIS B 347 -41.43 3.62 11.21
CA HIS B 347 -41.32 3.19 9.82
C HIS B 347 -40.73 4.33 8.97
N GLU B 348 -40.64 5.53 9.57
CA GLU B 348 -40.05 6.71 8.96
C GLU B 348 -39.17 7.36 9.97
N ASN B 349 -38.10 8.00 9.49
CA ASN B 349 -37.14 8.69 10.35
C ASN B 349 -36.65 7.84 11.48
N SER B 350 -36.46 6.57 11.18
CA SER B 350 -35.82 5.65 12.08
C SER B 350 -34.45 6.10 12.51
N ILE B 351 -33.69 6.76 11.63
CA ILE B 351 -32.28 7.09 11.97
C ILE B 351 -32.20 8.19 13.01
N LYS B 352 -33.03 9.20 12.82
CA LYS B 352 -33.14 10.27 13.80
C LYS B 352 -33.63 9.67 15.11
N HIS B 353 -34.64 8.80 15.01
CA HIS B 353 -35.14 8.06 16.17
C HIS B 353 -34.04 7.41 16.98
N ILE B 354 -33.14 6.71 16.30
CA ILE B 354 -32.03 6.01 16.97
C ILE B 354 -31.13 7.00 17.65
N ARG B 355 -30.79 8.08 16.93
CA ARG B 355 -29.88 9.13 17.44
C ARG B 355 -30.44 9.74 18.74
N GLU B 356 -31.73 9.96 18.74
CA GLU B 356 -32.41 10.72 19.79
C GLU B 356 -32.86 9.85 20.98
N THR B 357 -33.31 8.63 20.70
CA THR B 357 -33.75 7.73 21.74
C THR B 357 -32.61 7.28 22.62
N TRP B 358 -31.39 7.21 22.07
CA TRP B 358 -30.18 6.82 22.83
C TRP B 358 -29.11 7.86 22.54
N PRO B 359 -29.32 9.05 23.09
CA PRO B 359 -28.57 10.28 22.74
C PRO B 359 -27.17 10.44 23.29
N ASP B 360 -26.85 9.82 24.40
CA ASP B 360 -25.55 10.16 25.03
C ASP B 360 -24.41 9.21 24.66
N ASN B 361 -24.70 7.93 24.53
CA ASN B 361 -23.65 6.91 24.28
C ASN B 361 -24.27 5.62 23.82
N ALA B 362 -23.44 4.75 23.24
CA ALA B 362 -23.92 3.48 22.72
C ALA B 362 -24.38 2.59 23.86
N GLY B 363 -23.72 2.76 25.01
CA GLY B 363 -24.09 2.11 26.25
C GLY B 363 -25.59 2.09 26.43
N GLN B 364 -26.20 3.25 26.30
CA GLN B 364 -27.68 3.34 26.42
C GLN B 364 -28.37 2.37 25.46
N LEU B 365 -27.83 2.22 24.25
CA LEU B 365 -28.46 1.37 23.22
C LEU B 365 -28.26 -0.10 23.55
N LYS B 366 -27.08 -0.43 24.07
CA LYS B 366 -26.79 -1.80 24.51
C LYS B 366 -27.81 -2.34 25.53
N GLU B 367 -28.04 -1.59 26.61
CA GLU B 367 -28.98 -2.00 27.62
C GLU B 367 -30.34 -2.30 27.00
N PHE B 368 -30.76 -1.46 26.08
CA PHE B 368 -32.09 -1.65 25.51
C PHE B 368 -32.20 -3.00 24.75
N LEU B 369 -31.11 -3.34 24.05
CA LEU B 369 -31.06 -4.54 23.22
C LEU B 369 -31.05 -5.78 24.11
N ASP B 370 -30.23 -5.72 25.14
CA ASP B 370 -30.21 -6.73 26.18
C ASP B 370 -31.62 -7.08 26.63
N ALA B 371 -32.37 -6.07 27.06
CA ALA B 371 -33.74 -6.31 27.51
C ALA B 371 -34.60 -6.90 26.41
N LYS B 372 -34.50 -6.32 25.23
CA LYS B 372 -35.40 -6.75 24.16
C LYS B 372 -35.22 -8.24 23.84
N VAL B 373 -33.98 -8.72 23.85
CA VAL B 373 -33.71 -10.12 23.47
C VAL B 373 -34.20 -11.16 24.50
N LYS B 374 -34.59 -10.71 25.71
CA LYS B 374 -35.08 -11.59 26.78
C LYS B 374 -36.61 -11.64 26.87
N GLN B 375 -37.30 -11.24 25.81
CA GLN B 375 -38.75 -11.33 25.81
C GLN B 375 -39.21 -12.31 24.74
N SER B 376 -40.40 -12.86 24.96
CA SER B 376 -41.00 -13.88 24.08
C SER B 376 -41.14 -13.47 22.60
N ASP B 377 -41.39 -12.18 22.34
CA ASP B 377 -41.30 -11.60 20.98
C ASP B 377 -40.10 -12.15 20.21
N TYR B 378 -39.01 -12.33 20.94
CA TYR B 378 -37.72 -12.64 20.35
C TYR B 378 -37.48 -14.13 20.32
N ASP B 379 -37.02 -14.59 19.16
CA ASP B 379 -36.64 -15.97 18.97
C ASP B 379 -35.25 -16.04 18.35
N ARG B 380 -34.27 -16.47 19.14
CA ARG B 380 -32.91 -16.75 18.63
C ARG B 380 -32.91 -17.71 17.46
N SER B 381 -33.87 -18.62 17.47
CA SER B 381 -34.01 -19.60 16.41
C SER B 381 -33.93 -18.89 15.05
N THR B 382 -34.74 -17.85 14.89
CA THR B 382 -34.78 -17.10 13.63
C THR B 382 -34.45 -15.65 13.95
N SER B 383 -33.20 -15.44 14.34
CA SER B 383 -32.70 -14.09 14.64
C SER B 383 -31.31 -13.96 14.09
N ASN B 384 -31.06 -12.79 13.51
CA ASN B 384 -29.76 -12.44 12.95
C ASN B 384 -28.97 -11.56 13.90
N ILE B 385 -29.53 -11.32 15.08
CA ILE B 385 -28.89 -10.50 16.08
C ILE B 385 -28.29 -11.40 17.13
N ASP B 386 -27.03 -11.19 17.46
CA ASP B 386 -26.37 -12.02 18.45
C ASP B 386 -26.28 -11.43 19.83
N PRO B 387 -27.12 -11.91 20.72
CA PRO B 387 -27.11 -11.49 22.15
C PRO B 387 -25.71 -11.39 22.82
N LEU B 388 -24.75 -12.09 22.26
CA LEU B 388 -23.42 -12.07 22.85
C LEU B 388 -22.64 -10.85 22.32
N LYS B 389 -22.96 -10.44 21.08
CA LYS B 389 -22.27 -9.32 20.38
C LYS B 389 -23.20 -8.10 20.29
N THR B 390 -23.55 -7.61 21.46
CA THR B 390 -24.56 -6.61 21.59
C THR B 390 -23.91 -5.23 21.71
N ALA B 391 -22.72 -5.18 22.34
CA ALA B 391 -21.92 -3.93 22.45
C ALA B 391 -21.53 -3.39 21.04
N ASP B 392 -21.08 -4.32 20.21
CA ASP B 392 -20.67 -4.01 18.88
C ASP B 392 -21.84 -3.52 18.02
N LEU B 393 -23.00 -4.15 18.15
CA LEU B 393 -24.13 -3.77 17.31
C LEU B 393 -24.61 -2.41 17.78
N ALA B 394 -24.49 -2.19 19.08
CA ALA B 394 -25.03 -0.99 19.67
C ALA B 394 -24.13 0.19 19.32
N GLU B 395 -22.82 -0.03 19.34
CA GLU B 395 -21.90 1.04 18.95
C GLU B 395 -22.10 1.33 17.46
N LYS B 396 -22.13 0.26 16.68
CA LYS B 396 -22.29 0.38 15.25
C LYS B 396 -23.55 1.18 14.94
N LEU B 397 -24.63 0.97 15.68
CA LEU B 397 -25.85 1.67 15.31
C LEU B 397 -25.75 3.14 15.70
N PHE B 398 -25.15 3.38 16.86
CA PHE B 398 -24.98 4.71 17.37
C PHE B 398 -24.21 5.52 16.35
N LYS B 399 -23.08 4.98 15.92
CA LYS B 399 -22.20 5.66 14.94
C LYS B 399 -22.83 5.80 13.53
N LEU B 400 -23.44 4.74 13.07
CA LEU B 400 -24.10 4.81 11.81
C LEU B 400 -25.12 5.91 11.80
N SER B 401 -25.77 6.14 12.93
CA SER B 401 -26.87 7.07 13.00
C SER B 401 -26.36 8.51 12.97
N ARG B 402 -25.09 8.69 13.25
CA ARG B 402 -24.42 9.98 13.22
C ARG B 402 -23.47 10.10 12.03
N GLY B 403 -23.49 9.12 11.14
CA GLY B 403 -22.67 9.15 9.97
C GLY B 403 -21.21 9.03 10.30
N ARG B 404 -20.90 8.30 11.35
CA ARG B 404 -19.52 8.21 11.80
C ARG B 404 -19.02 6.78 11.99
N TYR B 405 -19.71 5.81 11.40
CA TYR B 405 -19.21 4.46 11.40
C TYR B 405 -18.22 4.22 10.27
N GLY B 406 -16.94 4.31 10.62
CA GLY B 406 -15.83 4.19 9.67
C GLY B 406 -15.39 2.75 9.57
N LEU B 407 -15.69 2.11 8.45
CA LEU B 407 -15.15 0.77 8.15
C LEU B 407 -13.94 0.88 7.19
N PRO B 408 -12.95 0.01 7.35
CA PRO B 408 -11.80 0.01 6.46
C PRO B 408 -12.14 -0.60 5.12
N LEU B 409 -11.37 -0.21 4.10
CA LEU B 409 -11.43 -0.89 2.82
C LEU B 409 -10.84 -2.30 3.04
N SER B 410 -11.55 -3.31 2.56
CA SER B 410 -11.12 -4.68 2.80
C SER B 410 -11.25 -5.50 1.55
N SER B 411 -10.37 -6.47 1.41
CA SER B 411 -10.50 -7.46 0.37
C SER B 411 -11.56 -8.43 0.80
N ARG B 412 -12.32 -8.89 -0.17
CA ARG B 412 -13.28 -9.95 0.03
C ARG B 412 -12.55 -11.29 0.20
N PRO B 413 -13.06 -12.14 1.13
CA PRO B 413 -12.40 -13.41 1.41
C PRO B 413 -12.38 -14.27 0.15
N VAL B 414 -11.31 -15.03 -0.01
CA VAL B 414 -11.15 -15.84 -1.21
C VAL B 414 -12.25 -16.93 -1.29
N VAL B 415 -12.53 -17.41 -2.51
CA VAL B 415 -13.65 -18.34 -2.73
C VAL B 415 -13.37 -19.77 -2.19
N LYS B 416 -14.34 -20.34 -1.48
CA LYS B 416 -14.22 -21.73 -0.98
C LYS B 416 -14.76 -22.72 -1.98
N SER B 417 -15.85 -22.38 -2.66
CA SER B 417 -16.41 -23.27 -3.66
C SER B 417 -17.12 -22.54 -4.78
N MET B 418 -17.20 -23.21 -5.92
CA MET B 418 -17.90 -22.70 -7.08
C MET B 418 -18.76 -23.81 -7.70
N MET B 419 -19.96 -23.45 -8.13
CA MET B 419 -20.89 -24.43 -8.65
C MET B 419 -21.57 -23.87 -9.86
N SER B 420 -21.82 -24.76 -10.81
CA SER B 420 -22.64 -24.49 -11.98
C SER B 420 -23.71 -25.60 -12.01
N ASN B 421 -24.96 -25.23 -12.15
CA ASN B 421 -26.09 -26.16 -12.01
C ASN B 421 -27.13 -25.82 -13.07
N LYS B 422 -27.90 -26.80 -13.48
CA LYS B 422 -29.02 -26.58 -14.37
C LYS B 422 -30.21 -27.35 -13.83
N ASN B 423 -31.32 -26.67 -13.62
CA ASN B 423 -32.56 -27.35 -13.23
C ASN B 423 -33.16 -27.80 -14.50
N LEU B 424 -33.34 -29.10 -14.62
CA LEU B 424 -33.64 -29.66 -15.92
C LEU B 424 -35.12 -29.91 -16.03
N ARG B 425 -35.66 -29.48 -17.16
CA ARG B 425 -37.04 -29.65 -17.47
C ARG B 425 -37.11 -30.64 -18.63
N GLY B 426 -38.10 -31.52 -18.54
CA GLY B 426 -38.34 -32.48 -19.57
C GLY B 426 -37.14 -33.36 -19.84
N LYS B 427 -36.82 -33.51 -21.13
CA LYS B 427 -35.90 -34.53 -21.60
C LYS B 427 -34.53 -33.95 -21.93
N SER B 428 -34.38 -32.66 -21.61
CA SER B 428 -33.14 -31.94 -21.77
C SER B 428 -31.89 -32.69 -21.37
N CYS B 429 -32.02 -33.60 -20.44
CA CYS B 429 -30.91 -34.44 -20.08
C CYS B 429 -31.36 -35.91 -20.04
N ASN B 430 -31.48 -36.49 -21.24
CA ASN B 430 -31.96 -37.85 -21.35
C ASN B 430 -30.92 -38.93 -21.36
N SER B 431 -29.67 -38.58 -21.55
CA SER B 431 -28.65 -39.59 -21.80
C SER B 431 -27.39 -39.21 -21.10
N ILE B 432 -26.48 -40.15 -21.01
CA ILE B 432 -25.15 -39.85 -20.55
C ILE B 432 -24.49 -38.79 -21.43
N VAL B 433 -24.80 -38.75 -22.74
CA VAL B 433 -24.19 -37.76 -23.61
C VAL B 433 -24.79 -36.39 -23.36
N ASP B 434 -26.06 -36.35 -22.99
CA ASP B 434 -26.67 -35.10 -22.52
C ASP B 434 -26.05 -34.66 -21.19
N CYS B 435 -25.68 -35.58 -20.34
CA CYS B 435 -24.99 -35.18 -19.16
C CYS B 435 -23.67 -34.48 -19.51
N ILE B 436 -23.00 -35.04 -20.51
CA ILE B 436 -21.65 -34.63 -20.81
C ILE B 436 -21.76 -33.26 -21.47
N SER B 437 -22.77 -33.11 -22.32
CA SER B 437 -23.03 -31.84 -22.95
C SER B 437 -23.31 -30.71 -22.01
N TRP B 438 -23.98 -31.00 -20.89
CA TRP B 438 -24.21 -29.99 -19.86
C TRP B 438 -22.94 -29.73 -19.12
N LEU B 439 -22.20 -30.76 -18.81
CA LEU B 439 -20.94 -30.59 -18.16
C LEU B 439 -19.94 -29.77 -19.01
N GLU B 440 -20.01 -29.90 -20.32
CA GLU B 440 -19.15 -29.11 -21.17
C GLU B 440 -19.48 -27.66 -20.80
N VAL B 441 -20.77 -27.31 -20.80
CA VAL B 441 -21.24 -25.98 -20.41
C VAL B 441 -20.78 -25.60 -19.00
N PHE B 442 -21.01 -26.47 -18.03
CA PHE B 442 -20.66 -26.15 -16.65
C PHE B 442 -19.19 -25.87 -16.51
N CYS B 443 -18.41 -26.59 -17.29
CA CYS B 443 -17.01 -26.59 -17.15
C CYS B 443 -16.45 -25.30 -17.71
N ALA B 444 -16.99 -24.89 -18.85
CA ALA B 444 -16.66 -23.59 -19.45
C ALA B 444 -16.99 -22.49 -18.48
N GLU B 445 -18.11 -22.56 -17.76
CA GLU B 445 -18.52 -21.46 -16.88
C GLU B 445 -17.54 -21.38 -15.75
N LEU B 446 -17.27 -22.53 -15.15
CA LEU B 446 -16.40 -22.55 -14.00
C LEU B 446 -15.00 -22.11 -14.41
N THR B 447 -14.55 -22.53 -15.59
CA THR B 447 -13.24 -22.13 -16.12
C THR B 447 -13.16 -20.60 -16.29
N SER B 448 -14.19 -20.01 -16.89
CA SER B 448 -14.30 -18.54 -16.98
C SER B 448 -14.26 -17.90 -15.61
N ARG B 449 -14.95 -18.48 -14.66
CA ARG B 449 -14.91 -17.92 -13.32
C ARG B 449 -13.54 -18.05 -12.64
N ILE B 450 -12.80 -19.09 -12.99
CA ILE B 450 -11.50 -19.36 -12.41
C ILE B 450 -10.58 -18.25 -12.90
N GLN B 451 -10.52 -18.11 -14.22
CA GLN B 451 -9.73 -17.08 -14.87
C GLN B 451 -10.03 -15.70 -14.32
N ASP B 452 -11.28 -15.43 -14.02
CA ASP B 452 -11.64 -14.14 -13.48
C ASP B 452 -10.95 -13.93 -12.14
N LEU B 453 -10.90 -14.98 -11.34
CA LEU B 453 -10.15 -14.95 -10.09
C LEU B 453 -8.63 -14.89 -10.30
N GLU B 454 -8.11 -15.57 -11.30
CA GLU B 454 -6.71 -15.40 -11.67
C GLU B 454 -6.39 -13.92 -11.90
N GLN B 455 -7.29 -13.23 -12.60
CA GLN B 455 -7.11 -11.82 -12.90
C GLN B 455 -7.28 -11.00 -11.64
N GLU B 456 -8.15 -11.40 -10.72
CA GLU B 456 -8.30 -10.66 -9.48
C GLU B 456 -7.11 -10.80 -8.54
N TYR B 457 -6.61 -12.01 -8.42
CA TYR B 457 -5.58 -12.33 -7.44
C TYR B 457 -4.16 -12.20 -7.97
N ASN B 458 -4.06 -12.17 -9.29
CA ASN B 458 -2.78 -12.25 -9.99
C ASN B 458 -2.00 -13.47 -9.53
N LYS B 459 -2.72 -14.55 -9.23
CA LYS B 459 -2.13 -15.84 -8.87
C LYS B 459 -2.85 -16.98 -9.59
N ILE B 460 -2.18 -18.13 -9.63
CA ILE B 460 -2.77 -19.37 -10.10
C ILE B 460 -3.89 -19.77 -9.16
N VAL B 461 -5.03 -20.16 -9.76
CA VAL B 461 -6.21 -20.61 -9.04
C VAL B 461 -6.57 -21.98 -9.62
N ILE B 462 -6.56 -22.98 -8.74
CA ILE B 462 -6.62 -24.38 -9.13
C ILE B 462 -7.44 -25.17 -8.10
N PRO B 463 -8.62 -25.67 -8.51
CA PRO B 463 -9.43 -26.48 -7.64
C PRO B 463 -8.98 -27.93 -7.62
N ARG B 464 -8.60 -28.42 -6.44
CA ARG B 464 -8.23 -29.79 -6.22
C ARG B 464 -9.39 -30.80 -6.26
N THR B 465 -10.55 -30.38 -5.76
CA THR B 465 -11.73 -31.25 -5.68
C THR B 465 -12.95 -30.86 -6.48
N VAL B 466 -13.59 -31.86 -7.08
CA VAL B 466 -14.82 -31.66 -7.83
C VAL B 466 -15.86 -32.70 -7.43
N SER B 467 -17.12 -32.29 -7.40
CA SER B 467 -18.21 -33.20 -7.13
C SER B 467 -19.37 -32.92 -8.07
N ILE B 468 -19.95 -34.02 -8.50
CA ILE B 468 -21.09 -33.99 -9.37
C ILE B 468 -22.33 -34.41 -8.56
N SER B 469 -23.36 -33.60 -8.63
CA SER B 469 -24.61 -33.93 -8.02
C SER B 469 -25.70 -33.90 -9.10
N LEU B 470 -26.66 -34.83 -8.98
CA LEU B 470 -27.82 -34.88 -9.86
C LEU B 470 -29.10 -35.43 -9.18
N LYS B 471 -30.25 -35.06 -9.74
CA LYS B 471 -31.52 -35.65 -9.37
C LYS B 471 -32.12 -36.32 -10.57
N THR B 472 -32.58 -37.54 -10.31
CA THR B 472 -33.17 -38.35 -11.35
C THR B 472 -34.62 -37.97 -11.61
N LYS B 473 -35.20 -38.63 -12.59
CA LYS B 473 -36.63 -38.60 -12.92
C LYS B 473 -37.46 -38.92 -11.67
N SER B 474 -36.90 -39.83 -10.90
CA SER B 474 -37.43 -40.29 -9.63
C SER B 474 -37.19 -39.29 -8.48
N TYR B 475 -36.61 -38.12 -8.81
CA TYR B 475 -36.10 -37.18 -7.79
C TYR B 475 -35.13 -37.82 -6.82
N GLU B 476 -34.45 -38.89 -7.23
CA GLU B 476 -33.42 -39.44 -6.35
C GLU B 476 -32.06 -38.78 -6.60
N VAL B 477 -31.34 -38.54 -5.52
CA VAL B 477 -30.17 -37.71 -5.56
C VAL B 477 -28.97 -38.60 -5.56
N TYR B 478 -28.19 -38.53 -6.64
CA TYR B 478 -26.89 -39.20 -6.70
C TYR B 478 -25.81 -38.14 -6.70
N ARG B 479 -24.70 -38.41 -6.05
CA ARG B 479 -23.60 -37.47 -6.11
C ARG B 479 -22.28 -38.14 -5.88
N LYS B 480 -21.24 -37.62 -6.51
CA LYS B 480 -19.91 -38.15 -6.30
C LYS B 480 -18.90 -37.01 -6.20
N SER B 481 -18.03 -37.10 -5.20
CA SER B 481 -16.98 -36.19 -4.98
C SER B 481 -15.65 -36.91 -5.03
N GLY B 482 -14.62 -36.24 -5.53
CA GLY B 482 -13.27 -36.77 -5.48
C GLY B 482 -12.21 -35.80 -5.99
N PRO B 483 -10.93 -36.26 -6.01
CA PRO B 483 -9.82 -35.42 -6.44
C PRO B 483 -9.85 -35.18 -7.93
N VAL B 484 -9.39 -33.99 -8.33
CA VAL B 484 -9.14 -33.68 -9.73
C VAL B 484 -7.63 -33.46 -9.85
N ALA B 485 -7.02 -34.22 -10.76
CA ALA B 485 -5.60 -34.24 -10.93
C ALA B 485 -5.27 -33.65 -12.31
N TYR B 486 -4.23 -32.82 -12.34
CA TYR B 486 -3.87 -32.14 -13.56
C TYR B 486 -2.53 -32.66 -14.08
N LYS B 487 -2.56 -33.25 -15.27
CA LYS B 487 -1.35 -33.73 -15.94
C LYS B 487 -0.59 -32.49 -16.38
N GLY B 488 0.14 -31.88 -15.45
CA GLY B 488 0.63 -30.52 -15.58
C GLY B 488 0.69 -29.87 -14.20
N ILE B 489 1.13 -28.62 -14.14
CA ILE B 489 1.28 -27.91 -12.86
C ILE B 489 0.12 -26.95 -12.64
N ASN B 490 -0.46 -26.47 -13.74
CA ASN B 490 -1.50 -25.45 -13.69
C ASN B 490 -2.82 -26.00 -14.20
N PHE B 491 -3.90 -25.33 -13.80
CA PHE B 491 -5.26 -25.73 -14.11
C PHE B 491 -5.55 -25.75 -15.60
N GLN B 492 -6.30 -26.77 -16.01
CA GLN B 492 -6.78 -26.90 -17.38
C GLN B 492 -8.21 -27.41 -17.42
N SER B 493 -9.03 -26.76 -18.21
CA SER B 493 -10.44 -27.08 -18.33
C SER B 493 -10.73 -28.57 -18.56
N HIS B 494 -10.04 -29.16 -19.54
CA HIS B 494 -10.31 -30.53 -19.93
C HIS B 494 -9.96 -31.52 -18.82
N GLU B 495 -9.07 -31.13 -17.92
CA GLU B 495 -8.68 -31.96 -16.78
C GLU B 495 -9.84 -32.10 -15.82
N LEU B 496 -10.52 -30.98 -15.58
CA LEU B 496 -11.67 -30.94 -14.74
C LEU B 496 -12.84 -31.70 -15.38
N LEU B 497 -13.13 -31.37 -16.64
CA LEU B 497 -14.23 -32.02 -17.36
C LEU B 497 -14.12 -33.55 -17.30
N LYS B 498 -12.89 -34.08 -17.49
CA LYS B 498 -12.63 -35.51 -17.59
C LYS B 498 -13.14 -36.24 -16.36
N VAL B 499 -12.84 -35.70 -15.20
CA VAL B 499 -13.27 -36.25 -13.93
C VAL B 499 -14.76 -36.10 -13.77
N GLY B 500 -15.30 -35.00 -14.25
CA GLY B 500 -16.74 -34.80 -14.22
C GLY B 500 -17.44 -35.84 -15.06
N ILE B 501 -16.89 -36.12 -16.24
CA ILE B 501 -17.42 -37.15 -17.15
C ILE B 501 -17.29 -38.54 -16.54
N LYS B 502 -16.22 -38.79 -15.81
CA LYS B 502 -16.08 -40.08 -15.19
C LYS B 502 -17.14 -40.22 -14.10
N PHE B 503 -17.28 -39.22 -13.23
CA PHE B 503 -18.25 -39.22 -12.11
C PHE B 503 -19.70 -39.35 -12.58
N VAL B 504 -20.08 -38.58 -13.58
CA VAL B 504 -21.44 -38.64 -14.09
C VAL B 504 -21.70 -40.00 -14.76
N THR B 505 -20.61 -40.68 -15.11
CA THR B 505 -20.63 -41.95 -15.84
C THR B 505 -20.72 -43.11 -14.89
N ASP B 506 -20.06 -42.98 -13.77
CA ASP B 506 -20.18 -43.91 -12.68
C ASP B 506 -21.57 -43.88 -12.16
N LEU B 507 -22.05 -42.68 -11.85
CA LEU B 507 -23.42 -42.49 -11.37
C LEU B 507 -24.45 -43.07 -12.33
N ASP B 508 -24.21 -43.00 -13.64
CA ASP B 508 -25.08 -43.66 -14.64
C ASP B 508 -25.25 -45.16 -14.37
N ILE B 509 -24.21 -45.74 -13.77
CA ILE B 509 -24.16 -47.14 -13.35
C ILE B 509 -24.88 -47.37 -12.02
N LYS B 510 -24.47 -46.72 -10.93
CA LYS B 510 -25.19 -46.80 -9.64
C LYS B 510 -26.73 -46.90 -9.84
N GLY B 511 -27.30 -46.08 -10.71
CA GLY B 511 -28.75 -46.05 -10.89
C GLY B 511 -29.21 -46.59 -12.23
N LYS B 512 -28.42 -47.50 -12.79
CA LYS B 512 -28.66 -48.03 -14.12
C LYS B 512 -30.13 -48.36 -14.36
N ASN B 513 -30.76 -49.06 -13.40
CA ASN B 513 -32.17 -49.46 -13.52
C ASN B 513 -33.09 -48.82 -12.45
N LYS B 514 -33.13 -47.50 -12.35
CA LYS B 514 -33.89 -46.86 -11.29
C LYS B 514 -34.56 -45.57 -11.74
N SER B 515 -35.32 -45.62 -12.82
CA SER B 515 -36.06 -44.44 -13.27
C SER B 515 -35.18 -43.20 -13.23
N TYR B 516 -33.99 -43.37 -13.79
CA TYR B 516 -32.89 -42.40 -13.80
C TYR B 516 -33.17 -41.19 -14.70
N TYR B 517 -33.43 -41.41 -16.00
CA TYR B 517 -33.59 -40.33 -16.98
C TYR B 517 -35.03 -40.08 -17.29
N PRO B 518 -35.38 -38.87 -17.71
CA PRO B 518 -34.49 -37.71 -17.67
C PRO B 518 -34.10 -37.25 -16.25
N LEU B 519 -32.98 -36.56 -16.20
CA LEU B 519 -32.54 -35.85 -15.02
C LEU B 519 -33.37 -34.63 -14.70
N THR B 520 -33.46 -34.40 -13.40
CA THR B 520 -34.16 -33.29 -12.84
C THR B 520 -33.15 -32.22 -12.55
N LYS B 521 -31.96 -32.64 -12.12
CA LYS B 521 -30.93 -31.70 -11.80
C LYS B 521 -29.52 -32.20 -12.07
N LEU B 522 -28.67 -31.31 -12.54
CA LEU B 522 -27.27 -31.63 -12.78
C LEU B 522 -26.41 -30.45 -12.37
N SER B 523 -25.34 -30.70 -11.65
CA SER B 523 -24.46 -29.66 -11.21
C SER B 523 -23.08 -30.20 -11.01
N MET B 524 -22.10 -29.31 -11.21
CA MET B 524 -20.70 -29.53 -10.91
C MET B 524 -20.29 -28.44 -9.94
N THR B 525 -19.65 -28.84 -8.85
CA THR B 525 -19.17 -27.93 -7.85
C THR B 525 -17.70 -28.22 -7.67
N ILE B 526 -16.87 -27.16 -7.69
CA ILE B 526 -15.42 -27.26 -7.40
C ILE B 526 -15.05 -26.69 -6.04
N THR B 527 -14.13 -27.33 -5.37
CA THR B 527 -13.70 -26.90 -4.04
C THR B 527 -12.20 -27.20 -3.90
N ASN B 528 -11.70 -27.09 -2.66
CA ASN B 528 -10.26 -27.22 -2.36
C ASN B 528 -9.40 -26.46 -3.36
N PHE B 529 -9.49 -25.14 -3.30
CA PHE B 529 -8.68 -24.29 -4.17
C PHE B 529 -7.24 -24.18 -3.71
N ASP B 530 -6.32 -24.49 -4.62
CA ASP B 530 -4.89 -24.48 -4.35
C ASP B 530 -4.41 -25.71 -3.57
N ILE B 531 -5.36 -26.45 -3.00
CA ILE B 531 -5.06 -27.68 -2.26
C ILE B 531 -6.36 -28.35 -1.82
#